data_3UM6
#
_entry.id   3UM6
#
_cell.length_a   56.696
_cell.length_b   155.549
_cell.length_c   164.962
_cell.angle_alpha   90.00
_cell.angle_beta   90.00
_cell.angle_gamma   90.00
#
_symmetry.space_group_name_H-M   'P 21 21 21'
#
loop_
_entity.id
_entity.type
_entity.pdbx_description
1 polymer 'Bifunctional dihydrofolate reductase-thymidylate synthase'
2 non-polymer 1-(4-chlorophenyl)-6,6-dimethyl-1,6-dihydro-1,3,5-triazine-2,4-diamine
3 non-polymer 'NADPH DIHYDRO-NICOTINAMIDE-ADENINE-DINUCLEOTIDE PHOSPHATE'
4 non-polymer "2'-DEOXYURIDINE 5'-MONOPHOSPHATE"
5 water water
#
_entity_poly.entity_id   1
_entity_poly.type   'polypeptide(L)'
_entity_poly.pdbx_seq_one_letter_code
;MMEQVCDVFDIYAICVCCKVESKNEGKKNEVFNNYTFRGLGNKGVLPWKCNSLDMKYFCAVTTYVNESKYEKLKYKRCKY
LNKETVDNVNDMPNSKKLQNVVVMGRTTWESIPKKFKPLSNRINVILSRTLKKEDFDEDVYIINKVEDLIVLLGKLNYYK
CFIIGGSVVYQEFLEKKLIKKIYFTRINSTYECDVFFPEINENEYQIISVSDVYTSNNTTLDFIIYKKTNNKMLNEQNCI
KGEEKNNDMPLKNDDKDTCHMKKLTEFYKNVDKYKINYENDDDDEEEDDFVYFNFNKEKEEKNKNSIHPNDFQIYNSLKY
KYHPEYQYLNIIYDIMMNGNKQSDRTGVGVLSKFGYIMKFDLSQYFPLLTTKKLFLRGIIEELLWFIRGETNGNTLLNKN
VRIWEANGTREFLDNRKLFHREVNDLGPIYGFQWRHFGAEYTNMYDNYENKGVDQLKNIINLIKNDPTSRRILLCAWNVK
DLDQMALPPCHILCQFYVFDGKLSCIMYQRSCDLGLGVPFNIASYSIFTHMIAQVCNLQPAQFIHVLGNAHVYNNHIDSL
KIQLNRIPYPFPTLKLNPDIKNIEDFTISDFTIQNYVHHEKISMDMAA
;
_entity_poly.pdbx_strand_id   A,B
#
loop_
_chem_comp.id
_chem_comp.type
_chem_comp.name
_chem_comp.formula
1CY non-polymer 1-(4-chlorophenyl)-6,6-dimethyl-1,6-dihydro-1,3,5-triazine-2,4-diamine 'C11 H14 Cl N5'
NDP non-polymer 'NADPH DIHYDRO-NICOTINAMIDE-ADENINE-DINUCLEOTIDE PHOSPHATE' 'C21 H30 N7 O17 P3'
UMP non-polymer '2'-DEOXYURIDINE 5'-MONOPHOSPHATE' 'C9 H13 N2 O8 P'
#
# COMPACT_ATOMS: atom_id res chain seq x y z
N MET A 1 -3.67 -31.62 30.05
CA MET A 1 -4.34 -30.33 29.74
C MET A 1 -4.79 -29.58 31.00
N MET A 2 -3.83 -28.98 31.70
CA MET A 2 -4.12 -28.23 32.91
C MET A 2 -4.67 -26.85 32.54
N GLU A 3 -5.99 -26.79 32.42
CA GLU A 3 -6.72 -25.57 32.06
C GLU A 3 -6.42 -24.39 32.99
N GLN A 4 -5.95 -23.30 32.41
CA GLN A 4 -5.60 -22.09 33.17
C GLN A 4 -6.83 -21.22 33.45
N VAL A 5 -7.05 -20.92 34.73
CA VAL A 5 -8.19 -20.11 35.17
C VAL A 5 -8.40 -18.82 34.39
N CYS A 6 -7.33 -18.09 34.13
CA CYS A 6 -7.45 -16.84 33.40
C CYS A 6 -7.97 -17.05 31.97
N ASP A 7 -7.81 -18.27 31.46
CA ASP A 7 -8.29 -18.57 30.11
C ASP A 7 -9.76 -18.94 30.14
N VAL A 8 -10.15 -19.67 31.16
CA VAL A 8 -11.54 -20.10 31.28
C VAL A 8 -12.47 -18.92 31.50
N PHE A 9 -12.11 -18.05 32.43
CA PHE A 9 -12.95 -16.92 32.75
C PHE A 9 -12.56 -15.64 32.04
N ASP A 10 -11.58 -15.73 31.14
CA ASP A 10 -11.15 -14.58 30.35
C ASP A 10 -10.93 -13.34 31.20
N ILE A 11 -9.96 -13.40 32.10
CA ILE A 11 -9.66 -12.28 32.96
C ILE A 11 -8.50 -11.52 32.33
N TYR A 12 -8.73 -10.25 32.03
CA TYR A 12 -7.70 -9.40 31.43
C TYR A 12 -7.44 -8.22 32.35
N ALA A 13 -6.32 -7.54 32.11
CA ALA A 13 -5.97 -6.36 32.88
C ALA A 13 -5.76 -5.22 31.90
N ILE A 14 -6.25 -4.04 32.22
CA ILE A 14 -6.05 -2.90 31.35
C ILE A 14 -5.62 -1.71 32.20
N CYS A 15 -4.55 -1.06 31.78
CA CYS A 15 -4.01 0.07 32.51
C CYS A 15 -3.41 1.09 31.58
N VAL A 16 -2.74 2.08 32.17
CA VAL A 16 -2.08 3.13 31.42
C VAL A 16 -0.94 3.59 32.33
N CYS A 17 0.24 3.77 31.76
CA CYS A 17 1.40 4.22 32.53
C CYS A 17 2.15 5.36 31.87
N CYS A 18 2.70 6.23 32.71
CA CYS A 18 3.46 7.36 32.20
C CYS A 18 4.89 7.16 32.69
N LYS A 19 5.77 8.06 32.30
CA LYS A 19 7.16 7.98 32.73
C LYS A 19 7.29 8.54 34.14
N VAL A 20 8.11 7.90 34.96
CA VAL A 20 8.30 8.33 36.35
C VAL A 20 9.30 9.46 36.51
N GLU A 21 9.03 10.35 37.46
CA GLU A 21 9.86 11.50 37.72
C GLU A 21 11.13 11.19 38.52
N SER A 22 11.62 9.95 38.43
CA SER A 22 12.82 9.54 39.16
C SER A 22 14.04 10.39 38.77
N LYS A 23 14.97 10.55 39.71
CA LYS A 23 16.18 11.35 39.50
C LYS A 23 17.14 10.80 38.44
N ASN A 24 17.26 11.51 37.32
CA ASN A 24 18.14 11.10 36.24
C ASN A 24 19.38 12.01 36.22
N GLU A 25 19.73 12.51 37.41
CA GLU A 25 20.88 13.40 37.58
C GLU A 25 22.19 12.62 37.67
N GLY A 26 23.09 12.86 36.74
CA GLY A 26 24.37 12.17 36.74
C GLY A 26 24.84 11.81 35.34
N LYS A 27 23.91 11.33 34.51
CA LYS A 27 24.22 10.96 33.14
C LYS A 27 23.12 11.45 32.19
N LYS A 28 23.51 12.31 31.25
CA LYS A 28 22.57 12.87 30.28
C LYS A 28 22.11 11.79 29.30
N ASN A 29 22.70 10.61 29.43
CA ASN A 29 22.37 9.48 28.58
C ASN A 29 21.51 8.51 29.39
N GLU A 30 20.20 8.74 29.32
CA GLU A 30 19.23 7.93 30.04
C GLU A 30 18.95 6.64 29.28
N VAL A 31 18.99 5.52 29.98
CA VAL A 31 18.71 4.21 29.40
C VAL A 31 17.20 3.97 29.45
N PHE A 32 16.65 3.37 28.41
CA PHE A 32 15.21 3.10 28.37
C PHE A 32 14.89 1.62 28.16
N ASN A 33 13.77 1.21 28.74
CA ASN A 33 13.26 -0.15 28.63
C ASN A 33 11.77 -0.06 28.94
N ASN A 34 11.04 -1.16 28.70
CA ASN A 34 9.60 -1.17 28.94
C ASN A 34 9.21 -0.69 30.33
N TYR A 35 10.11 -0.90 31.30
CA TYR A 35 9.85 -0.47 32.67
C TYR A 35 9.92 1.04 32.82
N THR A 36 10.10 1.76 31.71
CA THR A 36 10.15 3.22 31.75
C THR A 36 8.75 3.75 32.05
N PHE A 37 7.77 3.07 31.48
CA PHE A 37 6.36 3.44 31.66
C PHE A 37 5.81 2.58 32.79
N ARG A 38 5.58 3.20 33.94
CA ARG A 38 5.08 2.45 35.09
C ARG A 38 4.38 3.33 36.14
N GLY A 39 4.28 4.62 35.88
CA GLY A 39 3.62 5.48 36.84
C GLY A 39 2.11 5.31 36.72
N LEU A 40 1.48 4.79 37.77
CA LEU A 40 0.04 4.56 37.77
C LEU A 40 -0.79 5.67 38.39
N GLY A 41 -0.38 6.14 39.57
CA GLY A 41 -1.14 7.18 40.22
C GLY A 41 -0.39 8.06 41.19
N ASN A 42 -1.06 9.11 41.64
CA ASN A 42 -0.46 10.04 42.57
C ASN A 42 -1.51 10.63 43.50
N LYS A 43 -1.28 10.48 44.80
CA LYS A 43 -2.19 11.01 45.80
C LYS A 43 -3.64 10.59 45.57
N GLY A 44 -3.83 9.29 45.32
CA GLY A 44 -5.17 8.75 45.12
C GLY A 44 -5.80 8.98 43.77
N VAL A 45 -5.17 9.79 42.92
CA VAL A 45 -5.71 10.05 41.60
C VAL A 45 -4.67 9.73 40.52
N LEU A 46 -4.97 10.08 39.28
CA LEU A 46 -4.06 9.83 38.16
C LEU A 46 -2.98 10.93 38.09
N PRO A 47 -1.74 10.55 37.79
CA PRO A 47 -0.64 11.53 37.69
C PRO A 47 -0.99 12.70 36.78
N TRP A 48 -1.48 12.38 35.59
CA TRP A 48 -1.88 13.40 34.63
C TRP A 48 -3.33 13.71 34.97
N LYS A 49 -3.78 14.92 34.67
CA LYS A 49 -5.15 15.30 34.96
C LYS A 49 -6.08 14.25 34.35
N CYS A 50 -6.12 14.23 33.03
CA CYS A 50 -6.95 13.29 32.32
C CYS A 50 -6.38 13.06 30.94
N ASN A 51 -6.94 12.10 30.22
CA ASN A 51 -6.50 11.81 28.87
C ASN A 51 -7.69 11.26 28.10
N SER A 52 -8.38 12.17 27.41
CA SER A 52 -9.56 11.82 26.63
C SER A 52 -9.40 10.56 25.80
N LEU A 53 -8.38 10.53 24.96
CA LEU A 53 -8.19 9.38 24.10
C LEU A 53 -8.02 8.11 24.90
N ASP A 54 -7.17 8.11 25.93
CA ASP A 54 -6.99 6.90 26.71
C ASP A 54 -8.32 6.45 27.30
N MET A 55 -9.12 7.42 27.74
CA MET A 55 -10.43 7.16 28.32
C MET A 55 -11.35 6.56 27.28
N LYS A 56 -11.29 7.10 26.08
CA LYS A 56 -12.12 6.62 25.00
C LYS A 56 -11.75 5.17 24.72
N TYR A 57 -10.45 4.90 24.72
CA TYR A 57 -9.95 3.55 24.50
C TYR A 57 -10.46 2.66 25.62
N PHE A 58 -10.28 3.12 26.85
CA PHE A 58 -10.72 2.33 28.00
C PHE A 58 -12.19 1.95 27.90
N CYS A 59 -13.04 2.95 27.68
CA CYS A 59 -14.48 2.73 27.57
C CYS A 59 -14.81 1.73 26.47
N ALA A 60 -14.17 1.87 25.32
CA ALA A 60 -14.42 0.97 24.19
C ALA A 60 -14.06 -0.49 24.49
N VAL A 61 -12.92 -0.71 25.12
CA VAL A 61 -12.52 -2.08 25.43
C VAL A 61 -13.43 -2.76 26.45
N THR A 62 -13.62 -2.10 27.60
CA THR A 62 -14.42 -2.68 28.67
C THR A 62 -15.94 -2.74 28.46
N THR A 63 -16.45 -2.21 27.35
CA THR A 63 -17.89 -2.30 27.10
C THR A 63 -18.21 -3.13 25.86
N TYR A 64 -17.21 -3.38 25.02
CA TYR A 64 -17.42 -4.18 23.82
C TYR A 64 -17.62 -5.66 24.15
N VAL A 65 -18.69 -6.22 23.62
CA VAL A 65 -18.98 -7.64 23.83
C VAL A 65 -19.42 -8.19 22.50
N ASN A 66 -19.10 -9.46 22.24
CA ASN A 66 -19.47 -10.10 20.98
C ASN A 66 -20.46 -11.20 21.28
N GLU A 67 -21.74 -10.87 21.13
CA GLU A 67 -22.83 -11.79 21.41
C GLU A 67 -22.59 -13.22 20.88
N SER A 68 -22.30 -13.35 19.59
CA SER A 68 -22.07 -14.67 19.02
C SER A 68 -20.97 -15.48 19.71
N LYS A 69 -19.90 -14.81 20.12
CA LYS A 69 -18.82 -15.54 20.75
C LYS A 69 -19.16 -16.05 22.14
N TYR A 70 -20.16 -15.44 22.77
CA TYR A 70 -20.55 -15.86 24.12
C TYR A 70 -20.99 -17.32 24.12
N GLU A 71 -21.75 -17.70 23.09
CA GLU A 71 -22.26 -19.06 22.95
C GLU A 71 -21.17 -20.06 23.31
N LYS A 72 -20.00 -19.90 22.73
CA LYS A 72 -18.88 -20.80 23.00
C LYS A 72 -18.36 -20.60 24.42
N LEU A 73 -18.07 -19.37 24.78
CA LEU A 73 -17.56 -19.05 26.11
C LEU A 73 -18.35 -19.79 27.20
N LYS A 74 -19.66 -19.76 27.08
CA LYS A 74 -20.52 -20.42 28.06
C LYS A 74 -20.21 -21.91 28.11
N TYR A 75 -20.05 -22.53 26.95
CA TYR A 75 -19.74 -23.95 26.90
C TYR A 75 -18.43 -24.21 27.64
N LYS A 76 -17.42 -23.40 27.34
CA LYS A 76 -16.10 -23.52 27.95
C LYS A 76 -16.13 -23.46 29.46
N ARG A 77 -16.76 -22.43 30.00
CA ARG A 77 -16.84 -22.25 31.44
C ARG A 77 -17.68 -23.32 32.13
N CYS A 78 -18.70 -23.81 31.43
CA CYS A 78 -19.56 -24.83 32.00
C CYS A 78 -18.81 -26.16 32.13
N LYS A 79 -18.18 -26.60 31.04
CA LYS A 79 -17.45 -27.86 31.09
C LYS A 79 -16.32 -27.79 32.11
N TYR A 80 -15.77 -26.60 32.33
CA TYR A 80 -14.71 -26.44 33.30
C TYR A 80 -15.27 -26.60 34.72
N LEU A 81 -16.56 -26.36 34.86
CA LEU A 81 -17.23 -26.48 36.16
C LEU A 81 -18.15 -27.70 36.18
N ASN A 82 -18.09 -28.49 35.12
CA ASN A 82 -18.90 -29.70 34.99
C ASN A 82 -20.38 -29.40 35.14
N LYS A 83 -20.90 -28.56 34.26
CA LYS A 83 -22.30 -28.17 34.27
C LYS A 83 -22.85 -28.17 32.86
N GLU A 84 -24.03 -28.76 32.67
CA GLU A 84 -24.63 -28.84 31.35
C GLU A 84 -26.13 -28.53 31.41
N LYS A 96 -31.44 -8.24 30.00
CA LYS A 96 -30.40 -9.25 30.11
C LYS A 96 -29.37 -9.15 28.98
N LYS A 97 -28.91 -7.93 28.70
CA LYS A 97 -27.91 -7.68 27.65
C LYS A 97 -26.50 -8.05 28.12
N LEU A 98 -25.78 -8.80 27.30
CA LEU A 98 -24.43 -9.25 27.66
C LEU A 98 -23.49 -8.10 27.99
N GLN A 99 -22.86 -8.21 29.15
CA GLN A 99 -21.93 -7.19 29.63
C GLN A 99 -20.59 -7.79 30.05
N ASN A 100 -19.58 -6.92 30.15
CA ASN A 100 -18.26 -7.32 30.61
C ASN A 100 -18.22 -7.04 32.10
N VAL A 101 -17.24 -7.59 32.79
CA VAL A 101 -17.08 -7.37 34.20
C VAL A 101 -15.84 -6.53 34.41
N VAL A 102 -15.90 -5.58 35.35
CA VAL A 102 -14.75 -4.75 35.66
C VAL A 102 -14.56 -4.88 37.17
N VAL A 103 -13.32 -5.17 37.58
CA VAL A 103 -12.98 -5.36 38.97
C VAL A 103 -11.97 -4.32 39.42
N MET A 104 -12.17 -3.74 40.60
CA MET A 104 -11.26 -2.72 41.08
C MET A 104 -11.04 -2.67 42.60
N GLY A 105 -9.91 -2.07 43.00
CA GLY A 105 -9.61 -1.93 44.41
C GLY A 105 -10.56 -0.88 44.99
N ARG A 106 -10.76 -0.89 46.29
CA ARG A 106 -11.68 0.04 46.91
C ARG A 106 -11.23 1.49 46.73
N THR A 107 -9.92 1.73 46.75
CA THR A 107 -9.41 3.09 46.61
C THR A 107 -9.76 3.63 45.22
N THR A 108 -9.68 2.74 44.23
CA THR A 108 -9.98 3.13 42.87
C THR A 108 -11.44 3.49 42.70
N TRP A 109 -12.30 2.71 43.34
CA TRP A 109 -13.73 2.97 43.25
C TRP A 109 -14.05 4.32 43.88
N GLU A 110 -13.38 4.64 44.98
CA GLU A 110 -13.62 5.91 45.66
C GLU A 110 -13.00 7.09 44.94
N SER A 111 -12.42 6.86 43.78
CA SER A 111 -11.83 7.97 43.03
C SER A 111 -12.75 8.31 41.85
N ILE A 112 -13.75 7.46 41.62
CA ILE A 112 -14.69 7.69 40.55
C ILE A 112 -15.69 8.77 40.96
N PRO A 113 -15.88 9.78 40.10
CA PRO A 113 -16.84 10.85 40.41
C PRO A 113 -18.23 10.25 40.58
N LYS A 114 -18.92 10.66 41.63
CA LYS A 114 -20.26 10.14 41.90
C LYS A 114 -21.21 10.01 40.72
N LYS A 115 -21.06 10.86 39.72
CA LYS A 115 -21.96 10.77 38.57
C LYS A 115 -21.55 9.68 37.59
N PHE A 116 -20.46 8.98 37.91
CA PHE A 116 -19.98 7.89 37.06
C PHE A 116 -20.00 6.54 37.77
N LYS A 117 -20.44 6.52 39.03
CA LYS A 117 -20.52 5.29 39.82
C LYS A 117 -21.91 4.70 39.70
N PRO A 118 -22.03 3.43 39.28
CA PRO A 118 -20.93 2.52 38.91
C PRO A 118 -20.61 2.69 37.41
N LEU A 119 -19.52 2.11 36.94
CA LEU A 119 -19.20 2.26 35.52
C LEU A 119 -20.32 1.71 34.65
N SER A 120 -20.90 2.59 33.84
CA SER A 120 -22.01 2.23 32.95
C SER A 120 -21.83 1.02 32.05
N ASN A 121 -22.93 0.28 31.87
CA ASN A 121 -22.99 -0.90 31.02
C ASN A 121 -21.96 -1.94 31.38
N ARG A 122 -21.57 -1.95 32.65
CA ARG A 122 -20.59 -2.91 33.11
C ARG A 122 -20.94 -3.40 34.51
N ILE A 123 -20.68 -4.69 34.72
CA ILE A 123 -20.92 -5.31 36.00
C ILE A 123 -19.73 -4.88 36.84
N ASN A 124 -19.96 -4.01 37.80
CA ASN A 124 -18.88 -3.52 38.68
C ASN A 124 -18.63 -4.43 39.89
N VAL A 125 -17.38 -4.82 40.06
CA VAL A 125 -16.97 -5.68 41.18
C VAL A 125 -15.91 -4.90 41.94
N ILE A 126 -16.00 -4.90 43.26
CA ILE A 126 -15.05 -4.14 44.07
C ILE A 126 -14.39 -4.96 45.16
N LEU A 127 -13.07 -4.86 45.26
CA LEU A 127 -12.35 -5.57 46.30
C LEU A 127 -12.22 -4.65 47.51
N SER A 128 -12.49 -5.21 48.70
CA SER A 128 -12.40 -4.44 49.93
C SER A 128 -12.61 -5.28 51.18
N ARG A 129 -11.98 -4.85 52.27
CA ARG A 129 -12.12 -5.51 53.55
C ARG A 129 -12.77 -4.50 54.50
N THR A 130 -12.26 -3.28 54.50
CA THR A 130 -12.81 -2.25 55.36
C THR A 130 -14.30 -1.98 55.10
N LEU A 131 -14.76 -2.19 53.87
CA LEU A 131 -16.16 -1.93 53.56
C LEU A 131 -16.94 -3.17 53.11
N LYS A 132 -18.23 -3.17 53.40
CA LYS A 132 -19.09 -4.27 53.01
C LYS A 132 -20.31 -3.76 52.24
N LYS A 133 -21.04 -4.65 51.59
CA LYS A 133 -22.18 -4.25 50.78
C LYS A 133 -23.08 -3.17 51.38
N GLU A 134 -23.30 -3.21 52.69
CA GLU A 134 -24.15 -2.20 53.34
C GLU A 134 -23.57 -0.81 53.19
N ASP A 135 -22.25 -0.71 53.09
CA ASP A 135 -21.58 0.57 52.93
C ASP A 135 -21.73 1.18 51.53
N PHE A 136 -22.37 0.45 50.62
CA PHE A 136 -22.55 0.94 49.25
C PHE A 136 -24.00 1.11 48.86
N ASP A 137 -24.27 2.18 48.12
CA ASP A 137 -25.60 2.48 47.65
C ASP A 137 -25.81 1.98 46.22
N GLU A 138 -24.73 1.98 45.44
CA GLU A 138 -24.77 1.57 44.04
C GLU A 138 -24.97 0.09 43.76
N ASP A 139 -25.32 -0.21 42.52
CA ASP A 139 -25.53 -1.58 42.05
C ASP A 139 -24.13 -2.15 41.77
N VAL A 140 -23.52 -2.75 42.78
CA VAL A 140 -22.18 -3.31 42.61
C VAL A 140 -21.99 -4.58 43.43
N TYR A 141 -20.98 -5.36 43.07
CA TYR A 141 -20.66 -6.58 43.81
C TYR A 141 -19.45 -6.28 44.67
N ILE A 142 -19.48 -6.72 45.92
CA ILE A 142 -18.36 -6.52 46.84
C ILE A 142 -17.75 -7.89 47.18
N ILE A 143 -16.43 -7.98 47.15
CA ILE A 143 -15.74 -9.22 47.49
C ILE A 143 -14.51 -8.91 48.31
N ASN A 144 -14.28 -9.71 49.37
CA ASN A 144 -13.16 -9.49 50.27
C ASN A 144 -11.98 -10.43 50.06
N LYS A 145 -11.90 -11.05 48.90
CA LYS A 145 -10.81 -11.95 48.59
C LYS A 145 -10.84 -12.29 47.10
N VAL A 146 -9.66 -12.57 46.55
CA VAL A 146 -9.52 -12.92 45.15
C VAL A 146 -10.33 -14.15 44.77
N GLU A 147 -10.15 -15.23 45.52
CA GLU A 147 -10.88 -16.47 45.22
C GLU A 147 -12.36 -16.18 44.98
N ASP A 148 -12.95 -15.27 45.76
CA ASP A 148 -14.36 -14.94 45.61
C ASP A 148 -14.69 -14.48 44.19
N LEU A 149 -13.73 -13.82 43.54
CA LEU A 149 -13.94 -13.35 42.17
C LEU A 149 -14.22 -14.51 41.24
N ILE A 150 -13.39 -15.55 41.38
CA ILE A 150 -13.52 -16.75 40.56
C ILE A 150 -14.90 -17.36 40.77
N VAL A 151 -15.32 -17.38 42.03
CA VAL A 151 -16.62 -17.94 42.37
C VAL A 151 -17.69 -17.11 41.69
N LEU A 152 -17.65 -15.79 41.91
CA LEU A 152 -18.61 -14.89 41.31
C LEU A 152 -18.70 -15.07 39.79
N LEU A 153 -17.56 -15.10 39.13
CA LEU A 153 -17.54 -15.25 37.68
C LEU A 153 -18.24 -16.53 37.27
N GLY A 154 -18.06 -17.58 38.07
CA GLY A 154 -18.72 -18.85 37.76
C GLY A 154 -20.24 -18.74 37.77
N LYS A 155 -20.77 -17.84 38.58
CA LYS A 155 -22.22 -17.65 38.70
C LYS A 155 -22.80 -16.58 37.78
N LEU A 156 -21.96 -15.77 37.15
CA LEU A 156 -22.47 -14.71 36.29
C LEU A 156 -22.45 -15.03 34.79
N ASN A 157 -23.16 -14.19 34.04
CA ASN A 157 -23.22 -14.29 32.58
C ASN A 157 -22.55 -13.01 32.11
N TYR A 158 -21.32 -13.14 31.62
CA TYR A 158 -20.57 -11.99 31.15
C TYR A 158 -19.68 -12.38 29.98
N TYR A 159 -19.22 -11.37 29.25
CA TYR A 159 -18.36 -11.58 28.10
C TYR A 159 -16.91 -11.75 28.58
N LYS A 160 -16.27 -10.65 28.96
CA LYS A 160 -14.90 -10.70 29.46
C LYS A 160 -14.77 -9.97 30.78
N CYS A 161 -13.72 -10.29 31.53
CA CYS A 161 -13.49 -9.67 32.84
C CYS A 161 -12.18 -8.87 32.87
N PHE A 162 -12.29 -7.58 33.15
CA PHE A 162 -11.12 -6.70 33.19
C PHE A 162 -10.76 -6.18 34.58
N ILE A 163 -9.51 -6.39 34.95
CA ILE A 163 -8.98 -5.91 36.22
C ILE A 163 -8.62 -4.46 35.85
N ILE A 164 -9.22 -3.49 36.53
CA ILE A 164 -8.94 -2.11 36.19
C ILE A 164 -8.17 -1.28 37.20
N GLY A 165 -7.35 -1.93 38.02
CA GLY A 165 -6.55 -1.20 39.00
C GLY A 165 -7.03 -1.33 40.43
N GLY A 166 -6.31 -0.74 41.40
CA GLY A 166 -5.09 0.01 41.13
C GLY A 166 -3.82 -0.81 41.29
N SER A 167 -2.74 -0.19 41.76
CA SER A 167 -1.47 -0.90 41.92
C SER A 167 -1.54 -2.15 42.78
N VAL A 168 -2.22 -2.07 43.92
CA VAL A 168 -2.34 -3.25 44.77
C VAL A 168 -3.06 -4.38 44.03
N VAL A 169 -4.18 -4.07 43.38
CA VAL A 169 -4.92 -5.08 42.65
C VAL A 169 -4.14 -5.64 41.46
N TYR A 170 -3.48 -4.80 40.68
CA TYR A 170 -2.70 -5.31 39.53
C TYR A 170 -1.62 -6.24 40.07
N GLN A 171 -0.98 -5.79 41.14
CA GLN A 171 0.09 -6.55 41.79
C GLN A 171 -0.27 -7.99 42.12
N GLU A 172 -1.32 -8.18 42.92
CA GLU A 172 -1.73 -9.52 43.33
C GLU A 172 -2.27 -10.40 42.21
N PHE A 173 -2.94 -9.81 41.22
CA PHE A 173 -3.48 -10.59 40.12
C PHE A 173 -2.37 -11.09 39.21
N LEU A 174 -1.27 -10.34 39.15
CA LEU A 174 -0.14 -10.74 38.32
C LEU A 174 0.62 -11.90 38.96
N GLU A 175 0.84 -11.84 40.28
CA GLU A 175 1.57 -12.91 40.98
C GLU A 175 0.87 -14.23 40.70
N LYS A 176 -0.44 -14.25 40.96
CA LYS A 176 -1.27 -15.44 40.78
C LYS A 176 -1.46 -15.86 39.33
N LYS A 177 -0.84 -15.12 38.42
CA LYS A 177 -0.94 -15.47 37.00
C LYS A 177 -2.40 -15.58 36.56
N LEU A 178 -3.24 -14.71 37.09
CA LEU A 178 -4.66 -14.72 36.75
C LEU A 178 -4.97 -13.80 35.56
N ILE A 179 -3.94 -13.22 34.97
CA ILE A 179 -4.10 -12.31 33.84
C ILE A 179 -3.73 -12.95 32.52
N LYS A 180 -4.71 -13.05 31.62
CA LYS A 180 -4.48 -13.65 30.31
C LYS A 180 -3.74 -12.67 29.41
N LYS A 181 -4.12 -11.41 29.49
CA LYS A 181 -3.49 -10.35 28.70
C LYS A 181 -3.51 -9.03 29.47
N ILE A 182 -2.64 -8.12 29.09
CA ILE A 182 -2.56 -6.82 29.73
C ILE A 182 -2.68 -5.72 28.68
N TYR A 183 -3.80 -5.00 28.68
CA TYR A 183 -3.96 -3.90 27.74
C TYR A 183 -3.27 -2.76 28.45
N PHE A 184 -2.07 -2.45 27.94
CA PHE A 184 -1.19 -1.43 28.53
C PHE A 184 -1.07 -0.17 27.68
N THR A 185 -1.45 0.96 28.25
CA THR A 185 -1.37 2.23 27.54
C THR A 185 -0.11 2.96 27.97
N ARG A 186 0.66 3.45 27.02
CA ARG A 186 1.88 4.17 27.35
C ARG A 186 1.75 5.66 27.09
N ILE A 187 1.60 6.44 28.16
CA ILE A 187 1.52 7.90 28.05
C ILE A 187 2.99 8.32 27.97
N ASN A 188 3.37 9.01 26.90
CA ASN A 188 4.77 9.40 26.76
C ASN A 188 5.17 10.77 27.31
N SER A 189 5.04 10.91 28.62
CA SER A 189 5.41 12.13 29.31
C SER A 189 5.60 11.81 30.78
N THR A 190 6.25 12.70 31.51
CA THR A 190 6.53 12.49 32.91
C THR A 190 5.63 13.26 33.85
N TYR A 191 5.31 12.64 34.99
CA TYR A 191 4.47 13.26 36.02
C TYR A 191 4.89 12.72 37.38
N GLU A 192 4.46 13.40 38.44
CA GLU A 192 4.79 12.97 39.78
C GLU A 192 3.92 11.76 40.11
N CYS A 193 4.54 10.71 40.66
CA CYS A 193 3.81 9.51 41.00
C CYS A 193 4.22 8.93 42.35
N ASP A 194 3.29 8.24 43.00
CA ASP A 194 3.59 7.60 44.27
C ASP A 194 3.20 6.14 44.18
N VAL A 195 2.56 5.76 43.08
CA VAL A 195 2.09 4.40 42.84
C VAL A 195 2.54 3.94 41.46
N PHE A 196 2.92 2.66 41.34
CA PHE A 196 3.44 2.12 40.09
C PHE A 196 2.96 0.73 39.73
N PHE A 197 3.03 0.42 38.43
CA PHE A 197 2.64 -0.90 37.94
C PHE A 197 3.85 -1.82 38.18
N PRO A 198 3.60 -3.07 38.55
CA PRO A 198 4.70 -4.02 38.79
C PRO A 198 5.57 -4.21 37.54
N GLU A 199 6.84 -4.53 37.76
CA GLU A 199 7.75 -4.76 36.65
C GLU A 199 7.33 -6.07 35.97
N ILE A 200 6.90 -5.98 34.72
CA ILE A 200 6.46 -7.17 34.00
C ILE A 200 7.63 -8.10 33.70
N ASN A 201 7.42 -9.39 33.91
CA ASN A 201 8.45 -10.38 33.65
C ASN A 201 8.38 -10.77 32.18
N GLU A 202 9.43 -10.45 31.43
CA GLU A 202 9.49 -10.74 30.00
C GLU A 202 9.43 -12.23 29.65
N ASN A 203 9.64 -13.09 30.63
CA ASN A 203 9.57 -14.53 30.39
C ASN A 203 8.17 -15.00 30.76
N GLU A 204 7.38 -14.07 31.27
CA GLU A 204 6.02 -14.37 31.67
C GLU A 204 5.05 -13.69 30.72
N TYR A 205 5.47 -12.54 30.20
CA TYR A 205 4.63 -11.78 29.29
C TYR A 205 5.43 -11.19 28.13
N GLN A 206 4.91 -11.39 26.92
CA GLN A 206 5.52 -10.86 25.71
C GLN A 206 4.52 -9.96 24.98
N ILE A 207 5.02 -8.87 24.41
CA ILE A 207 4.18 -7.94 23.67
C ILE A 207 3.80 -8.62 22.36
N ILE A 208 2.53 -8.52 21.96
CA ILE A 208 2.10 -9.13 20.71
C ILE A 208 1.51 -8.13 19.72
N SER A 209 1.23 -6.92 20.19
CA SER A 209 0.66 -5.90 19.33
C SER A 209 0.98 -4.49 19.78
N VAL A 210 1.20 -3.63 18.81
CA VAL A 210 1.53 -2.24 19.06
C VAL A 210 0.63 -1.41 18.18
N SER A 211 -0.04 -0.43 18.77
CA SER A 211 -0.96 0.40 18.03
C SER A 211 -0.28 1.60 17.41
N ASP A 212 -1.08 2.33 16.64
CA ASP A 212 -0.64 3.55 16.00
C ASP A 212 -0.29 4.48 17.17
N VAL A 213 0.27 5.64 16.88
CA VAL A 213 0.63 6.60 17.94
C VAL A 213 -0.27 7.82 17.80
N TYR A 214 -0.74 8.37 18.91
CA TYR A 214 -1.60 9.54 18.85
C TYR A 214 -1.17 10.62 19.82
N THR A 215 -1.80 11.78 19.70
CA THR A 215 -1.56 12.89 20.60
C THR A 215 -2.89 13.21 21.28
N SER A 216 -2.83 13.51 22.56
CA SER A 216 -4.02 13.82 23.33
C SER A 216 -3.59 14.55 24.58
N ASN A 217 -4.28 15.65 24.87
CA ASN A 217 -3.96 16.44 26.05
C ASN A 217 -2.45 16.66 26.18
N ASN A 218 -1.87 17.21 25.11
CA ASN A 218 -0.45 17.53 25.08
C ASN A 218 0.55 16.42 25.34
N THR A 219 0.31 15.25 24.79
CA THR A 219 1.23 14.14 24.95
C THR A 219 0.95 13.05 23.95
N THR A 220 2.01 12.39 23.49
CA THR A 220 1.83 11.30 22.54
C THR A 220 1.54 10.07 23.40
N LEU A 221 0.99 9.04 22.79
CA LEU A 221 0.68 7.83 23.50
C LEU A 221 0.35 6.74 22.51
N ASP A 222 0.59 5.49 22.89
CA ASP A 222 0.23 4.36 22.06
C ASP A 222 -0.38 3.29 22.94
N PHE A 223 -0.82 2.20 22.33
CA PHE A 223 -1.44 1.13 23.08
C PHE A 223 -0.76 -0.18 22.72
N ILE A 224 -0.36 -0.95 23.73
CA ILE A 224 0.27 -2.21 23.46
C ILE A 224 -0.44 -3.33 24.19
N ILE A 225 -0.28 -4.54 23.68
CA ILE A 225 -0.91 -5.68 24.28
C ILE A 225 0.11 -6.74 24.65
N TYR A 226 0.10 -7.16 25.91
CA TYR A 226 0.99 -8.21 26.37
C TYR A 226 0.18 -9.49 26.47
N LYS A 227 0.77 -10.60 26.02
CA LYS A 227 0.09 -11.88 26.11
C LYS A 227 0.90 -12.71 27.08
N LYS A 228 0.27 -13.72 27.68
CA LYS A 228 0.94 -14.59 28.62
C LYS A 228 1.79 -15.58 27.83
N THR A 229 3.10 -15.42 27.93
CA THR A 229 4.04 -16.26 27.22
C THR A 229 3.76 -17.75 27.41
N ASN A 230 3.85 -18.50 26.31
CA ASN A 230 3.62 -19.93 26.34
C ASN A 230 4.55 -20.64 27.34
N ASN A 231 4.31 -21.93 27.56
CA ASN A 231 5.10 -22.71 28.51
C ASN A 231 4.82 -22.21 29.93
N ASP A 283 -20.35 -18.34 3.55
CA ASP A 283 -19.18 -17.50 3.13
C ASP A 283 -17.89 -18.27 3.31
N ASP A 284 -17.90 -19.21 4.24
CA ASP A 284 -16.76 -20.05 4.55
C ASP A 284 -16.07 -20.57 3.29
N GLU A 285 -16.85 -20.77 2.22
CA GLU A 285 -16.35 -21.29 0.95
C GLU A 285 -15.49 -20.31 0.15
N GLU A 286 -15.83 -19.02 0.21
CA GLU A 286 -15.07 -18.01 -0.52
C GLU A 286 -13.58 -18.09 -0.19
N GLU A 287 -13.26 -18.77 0.91
CA GLU A 287 -11.87 -18.92 1.35
C GLU A 287 -11.07 -19.83 0.41
N ASP A 288 -11.76 -20.72 -0.29
CA ASP A 288 -11.06 -21.61 -1.21
C ASP A 288 -10.74 -20.92 -2.54
N ASP A 289 -11.52 -19.91 -2.91
CA ASP A 289 -11.25 -19.19 -4.13
C ASP A 289 -9.93 -18.44 -3.95
N PHE A 290 -9.59 -18.17 -2.70
CA PHE A 290 -8.35 -17.49 -2.36
C PHE A 290 -7.17 -18.41 -2.60
N VAL A 291 -7.28 -19.65 -2.13
CA VAL A 291 -6.20 -20.60 -2.31
C VAL A 291 -5.93 -20.80 -3.80
N TYR A 292 -6.99 -20.78 -4.59
CA TYR A 292 -6.87 -20.95 -6.03
C TYR A 292 -6.14 -19.74 -6.62
N PHE A 293 -6.65 -18.55 -6.29
CA PHE A 293 -6.07 -17.32 -6.78
C PHE A 293 -4.60 -17.14 -6.42
N ASN A 294 -4.12 -17.90 -5.45
CA ASN A 294 -2.72 -17.82 -5.06
C ASN A 294 -1.95 -19.04 -5.53
N PHE A 295 -2.39 -19.62 -6.64
CA PHE A 295 -1.74 -20.81 -7.17
C PHE A 295 -0.39 -20.52 -7.81
N ASN A 296 -0.20 -19.34 -8.38
CA ASN A 296 1.06 -19.05 -9.03
C ASN A 296 2.13 -18.42 -8.13
N LYS A 297 1.81 -18.20 -6.86
CA LYS A 297 2.79 -17.66 -5.94
C LYS A 297 3.77 -18.80 -5.70
N GLU A 298 4.37 -19.27 -6.79
CA GLU A 298 5.32 -20.37 -6.77
C GLU A 298 6.69 -20.00 -6.21
N LYS A 299 7.17 -18.81 -6.57
CA LYS A 299 8.48 -18.35 -6.10
C LYS A 299 8.39 -17.46 -4.86
N GLU A 300 9.30 -17.68 -3.92
CA GLU A 300 9.34 -16.90 -2.69
C GLU A 300 10.75 -16.35 -2.43
N GLU A 301 10.84 -15.40 -1.50
CA GLU A 301 12.08 -14.73 -1.10
C GLU A 301 13.38 -15.34 -1.62
N LYS A 302 14.04 -14.61 -2.51
CA LYS A 302 15.29 -15.03 -3.11
C LYS A 302 16.46 -15.04 -2.12
N ASN A 303 16.36 -14.21 -1.10
CA ASN A 303 17.43 -14.12 -0.10
C ASN A 303 17.07 -14.81 1.22
N LYS A 304 15.85 -15.33 1.32
CA LYS A 304 15.42 -16.01 2.54
C LYS A 304 16.48 -16.98 3.03
N ASN A 305 17.30 -17.47 2.11
CA ASN A 305 18.38 -18.39 2.46
C ASN A 305 19.44 -17.60 3.22
N SER A 306 19.98 -16.58 2.56
CA SER A 306 21.01 -15.73 3.14
C SER A 306 20.46 -14.96 4.34
N ILE A 307 19.15 -14.73 4.33
CA ILE A 307 18.47 -14.02 5.41
C ILE A 307 17.48 -15.00 6.05
N HIS A 308 17.87 -15.56 7.20
CA HIS A 308 17.04 -16.53 7.92
C HIS A 308 15.98 -15.85 8.76
N PRO A 309 14.69 -15.93 8.34
CA PRO A 309 13.60 -15.31 9.09
C PRO A 309 13.65 -15.62 10.59
N ASN A 310 14.34 -16.70 10.95
CA ASN A 310 14.48 -17.11 12.34
C ASN A 310 15.21 -16.04 13.15
N ASP A 311 15.85 -15.11 12.45
CA ASP A 311 16.57 -14.02 13.09
C ASP A 311 15.64 -12.84 13.36
N PHE A 312 14.37 -13.01 12.99
CA PHE A 312 13.36 -11.98 13.21
C PHE A 312 12.26 -12.56 14.07
N GLN A 313 12.68 -13.34 15.07
CA GLN A 313 11.76 -14.01 15.99
C GLN A 313 10.70 -13.04 16.53
N ILE A 314 11.14 -12.03 17.26
CA ILE A 314 10.24 -11.05 17.82
C ILE A 314 9.40 -10.35 16.75
N TYR A 315 10.08 -9.85 15.72
CA TYR A 315 9.42 -9.15 14.64
C TYR A 315 8.27 -9.94 14.02
N ASN A 316 8.44 -11.25 13.90
CA ASN A 316 7.42 -12.11 13.30
C ASN A 316 6.43 -12.67 14.31
N SER A 317 6.69 -12.44 15.58
CA SER A 317 5.80 -12.93 16.63
C SER A 317 4.73 -11.88 16.95
N LEU A 318 4.87 -10.69 16.40
CA LEU A 318 3.90 -9.62 16.65
C LEU A 318 2.71 -9.76 15.73
N LYS A 319 1.51 -9.83 16.30
CA LYS A 319 0.31 -9.97 15.49
C LYS A 319 0.03 -8.67 14.76
N TYR A 320 -0.31 -7.63 15.51
CA TYR A 320 -0.61 -6.34 14.92
C TYR A 320 0.55 -5.37 15.10
N LYS A 321 1.05 -4.85 13.99
CA LYS A 321 2.17 -3.92 14.00
C LYS A 321 1.71 -2.64 13.35
N TYR A 322 1.03 -1.80 14.13
CA TYR A 322 0.49 -0.55 13.60
C TYR A 322 1.26 0.69 13.95
N HIS A 323 2.31 0.56 14.76
CA HIS A 323 3.13 1.71 15.11
C HIS A 323 3.73 2.22 13.79
N PRO A 324 3.50 3.50 13.46
CA PRO A 324 4.02 4.07 12.21
C PRO A 324 5.50 3.76 11.92
N GLU A 325 6.29 3.53 12.95
CA GLU A 325 7.69 3.19 12.72
C GLU A 325 7.80 1.92 11.89
N TYR A 326 6.76 1.09 11.90
CA TYR A 326 6.80 -0.15 11.14
C TYR A 326 6.79 0.06 9.64
N GLN A 327 6.45 1.27 9.20
CA GLN A 327 6.46 1.55 7.78
C GLN A 327 7.92 1.49 7.35
N TYR A 328 8.78 2.04 8.20
CA TYR A 328 10.20 2.01 7.93
C TYR A 328 10.73 0.59 8.11
N LEU A 329 10.35 -0.03 9.23
CA LEU A 329 10.80 -1.38 9.52
C LEU A 329 10.37 -2.44 8.54
N ASN A 330 9.13 -2.36 8.04
CA ASN A 330 8.63 -3.35 7.07
C ASN A 330 9.35 -3.25 5.75
N ILE A 331 9.79 -2.05 5.40
CA ILE A 331 10.50 -1.87 4.14
C ILE A 331 11.86 -2.56 4.25
N ILE A 332 12.52 -2.38 5.38
CA ILE A 332 13.81 -3.03 5.62
C ILE A 332 13.60 -4.54 5.44
N TYR A 333 12.50 -5.04 5.99
CA TYR A 333 12.19 -6.46 5.91
C TYR A 333 11.95 -6.87 4.46
N ASP A 334 11.17 -6.09 3.76
CA ASP A 334 10.85 -6.41 2.38
C ASP A 334 12.10 -6.46 1.53
N ILE A 335 12.98 -5.49 1.72
CA ILE A 335 14.21 -5.44 0.96
C ILE A 335 15.11 -6.63 1.30
N MET A 336 15.13 -7.01 2.56
CA MET A 336 15.95 -8.14 2.99
C MET A 336 15.43 -9.47 2.51
N MET A 337 14.11 -9.60 2.43
CA MET A 337 13.51 -10.86 2.00
C MET A 337 13.33 -10.96 0.49
N ASN A 338 13.20 -9.83 -0.19
CA ASN A 338 12.94 -9.85 -1.63
C ASN A 338 13.80 -8.94 -2.49
N GLY A 339 14.73 -8.22 -1.87
CA GLY A 339 15.58 -7.32 -2.63
C GLY A 339 16.48 -7.99 -3.66
N ASN A 340 16.87 -7.23 -4.67
CA ASN A 340 17.73 -7.75 -5.71
C ASN A 340 19.16 -7.44 -5.30
N LYS A 341 20.06 -8.37 -5.54
CA LYS A 341 21.46 -8.19 -5.20
C LYS A 341 22.14 -7.35 -6.28
N GLN A 342 22.73 -6.24 -5.87
CA GLN A 342 23.43 -5.37 -6.81
C GLN A 342 24.66 -4.79 -6.15
N SER A 343 25.55 -4.24 -6.95
CA SER A 343 26.76 -3.63 -6.43
C SER A 343 26.89 -2.23 -6.99
N ASP A 344 26.98 -1.23 -6.11
CA ASP A 344 27.08 0.15 -6.53
C ASP A 344 28.51 0.58 -6.86
N ARG A 345 28.70 1.88 -7.13
CA ARG A 345 29.99 2.44 -7.53
C ARG A 345 31.35 2.03 -6.93
N THR A 346 31.43 1.80 -5.62
CA THR A 346 32.74 1.42 -5.04
C THR A 346 33.02 -0.08 -4.93
N GLY A 347 31.97 -0.90 -5.00
CA GLY A 347 32.14 -2.33 -4.89
C GLY A 347 31.21 -2.85 -3.81
N VAL A 348 30.89 -1.97 -2.85
CA VAL A 348 30.00 -2.32 -1.76
C VAL A 348 28.73 -2.89 -2.38
N GLY A 349 28.23 -3.98 -1.82
CA GLY A 349 27.03 -4.56 -2.37
C GLY A 349 25.79 -4.05 -1.67
N VAL A 350 24.62 -4.32 -2.24
CA VAL A 350 23.38 -3.88 -1.63
C VAL A 350 22.26 -4.78 -2.06
N LEU A 351 21.16 -4.67 -1.33
CA LEU A 351 19.94 -5.39 -1.68
C LEU A 351 19.06 -4.20 -2.07
N SER A 352 18.37 -4.29 -3.19
CA SER A 352 17.54 -3.17 -3.61
C SER A 352 16.17 -3.54 -4.13
N LYS A 353 15.27 -2.55 -4.05
CA LYS A 353 13.89 -2.63 -4.50
C LYS A 353 13.60 -1.24 -5.03
N PHE A 354 12.52 -1.08 -5.79
CA PHE A 354 12.18 0.20 -6.43
C PHE A 354 10.76 0.68 -6.17
N GLY A 355 10.62 1.88 -5.61
CA GLY A 355 9.30 2.43 -5.35
C GLY A 355 8.56 2.02 -4.08
N TYR A 356 8.62 2.87 -3.08
CA TYR A 356 7.93 2.64 -1.82
C TYR A 356 7.42 3.99 -1.37
N ILE A 357 6.41 3.97 -0.51
CA ILE A 357 5.84 5.20 0.03
C ILE A 357 5.55 5.02 1.53
N MET A 358 5.85 6.06 2.31
CA MET A 358 5.61 6.05 3.74
C MET A 358 4.88 7.33 4.09
N LYS A 359 3.93 7.24 5.03
CA LYS A 359 3.19 8.42 5.46
C LYS A 359 3.24 8.59 6.98
N PHE A 360 3.54 9.80 7.43
CA PHE A 360 3.62 10.07 8.86
C PHE A 360 2.68 11.20 9.25
N ASP A 361 1.93 11.01 10.32
CA ASP A 361 0.98 12.03 10.75
C ASP A 361 1.66 13.00 11.72
N LEU A 362 2.27 14.04 11.16
CA LEU A 362 2.97 15.05 11.96
C LEU A 362 2.08 15.73 12.99
N SER A 363 0.76 15.63 12.83
CA SER A 363 -0.14 16.24 13.79
C SER A 363 -0.31 15.34 15.01
N GLN A 364 0.11 14.08 14.89
CA GLN A 364 -0.01 13.14 15.98
C GLN A 364 1.32 12.79 16.62
N TYR A 365 2.43 13.12 15.97
CA TYR A 365 3.74 12.79 16.53
C TYR A 365 4.89 13.18 15.60
N PHE A 366 6.10 13.12 16.14
CA PHE A 366 7.30 13.42 15.35
C PHE A 366 7.91 12.05 15.08
N PRO A 367 7.97 11.63 13.81
CA PRO A 367 8.51 10.34 13.38
C PRO A 367 10.02 10.13 13.48
N LEU A 368 10.57 10.32 14.67
CA LEU A 368 11.99 10.09 14.87
C LEU A 368 12.09 8.63 15.33
N LEU A 369 12.77 7.78 14.56
CA LEU A 369 12.87 6.37 14.94
C LEU A 369 13.25 6.14 16.39
N THR A 370 12.63 5.14 17.00
CA THR A 370 12.89 4.84 18.39
C THR A 370 13.66 3.53 18.55
N THR A 371 13.78 2.75 17.48
CA THR A 371 14.47 1.47 17.55
C THR A 371 15.98 1.58 17.55
N LYS A 372 16.46 2.82 17.63
CA LYS A 372 17.90 3.11 17.69
C LYS A 372 17.98 4.58 18.02
N LYS A 373 19.15 5.04 18.46
CA LYS A 373 19.29 6.45 18.84
C LYS A 373 19.67 7.38 17.69
N LEU A 374 19.04 8.55 17.66
CA LEU A 374 19.31 9.54 16.63
C LEU A 374 19.40 10.90 17.29
N PHE A 375 20.19 11.80 16.71
CA PHE A 375 20.35 13.16 17.22
C PHE A 375 19.98 14.03 16.02
N LEU A 376 19.42 15.20 16.24
CA LEU A 376 19.03 16.04 15.11
C LEU A 376 19.72 17.40 15.01
N ARG A 377 20.57 17.73 15.97
CA ARG A 377 21.26 19.02 15.93
C ARG A 377 21.88 19.21 14.56
N GLY A 378 22.68 18.22 14.15
CA GLY A 378 23.34 18.27 12.87
C GLY A 378 22.42 18.51 11.70
N ILE A 379 21.34 17.72 11.59
CA ILE A 379 20.41 17.89 10.48
C ILE A 379 19.65 19.20 10.55
N ILE A 380 19.41 19.72 11.75
CA ILE A 380 18.71 20.99 11.85
C ILE A 380 19.62 22.09 11.32
N GLU A 381 20.90 21.99 11.67
CA GLU A 381 21.89 22.98 11.20
C GLU A 381 22.03 22.86 9.69
N GLU A 382 21.95 21.63 9.18
CA GLU A 382 22.01 21.42 7.73
C GLU A 382 20.83 22.15 7.09
N LEU A 383 19.66 21.97 7.69
CA LEU A 383 18.42 22.55 7.22
C LEU A 383 18.49 24.07 7.22
N LEU A 384 18.97 24.63 8.32
CA LEU A 384 19.09 26.08 8.41
C LEU A 384 20.11 26.52 7.40
N TRP A 385 21.11 25.68 7.19
CA TRP A 385 22.18 25.95 6.24
C TRP A 385 21.56 25.99 4.84
N PHE A 386 20.71 25.03 4.53
CA PHE A 386 20.05 24.99 3.22
C PHE A 386 19.26 26.29 3.02
N ILE A 387 18.43 26.61 4.00
CA ILE A 387 17.57 27.78 3.93
C ILE A 387 18.29 29.11 3.70
N ARG A 388 19.53 29.21 4.19
CA ARG A 388 20.30 30.43 4.00
C ARG A 388 20.92 30.49 2.60
N GLY A 389 20.74 29.43 1.83
CA GLY A 389 21.29 29.38 0.49
C GLY A 389 22.78 29.07 0.47
N GLU A 390 23.35 28.72 1.62
CA GLU A 390 24.78 28.42 1.68
C GLU A 390 25.24 27.16 0.95
N THR A 391 26.49 27.15 0.56
CA THR A 391 27.07 25.99 -0.10
C THR A 391 28.47 25.81 0.47
N ASN A 392 28.80 26.64 1.45
CA ASN A 392 30.09 26.61 2.13
C ASN A 392 30.12 25.56 3.23
N GLY A 393 30.82 24.46 2.98
CA GLY A 393 30.90 23.39 3.96
C GLY A 393 31.53 23.75 5.29
N ASN A 394 32.38 24.78 5.28
CA ASN A 394 33.05 25.20 6.51
C ASN A 394 32.07 25.68 7.57
N THR A 395 30.99 26.33 7.13
CA THR A 395 29.97 26.84 8.05
C THR A 395 29.52 25.69 8.93
N LEU A 396 29.28 24.53 8.31
CA LEU A 396 28.85 23.36 9.05
C LEU A 396 29.96 22.81 9.93
N LEU A 397 31.15 22.69 9.38
CA LEU A 397 32.29 22.20 10.14
C LEU A 397 32.62 23.09 11.34
N ASN A 398 32.38 24.39 11.24
CA ASN A 398 32.66 25.29 12.37
C ASN A 398 31.60 25.15 13.47
N LYS A 399 30.65 24.26 13.24
CA LYS A 399 29.58 24.00 14.20
C LYS A 399 29.70 22.54 14.58
N ASN A 400 30.77 21.92 14.08
CA ASN A 400 31.06 20.53 14.32
C ASN A 400 30.02 19.58 13.74
N VAL A 401 29.51 19.95 12.57
CA VAL A 401 28.54 19.13 11.86
C VAL A 401 29.36 18.61 10.68
N ARG A 402 29.54 17.30 10.59
CA ARG A 402 30.34 16.71 9.54
C ARG A 402 29.58 15.98 8.44
N ILE A 403 28.27 16.24 8.37
CA ILE A 403 27.42 15.61 7.37
C ILE A 403 28.00 15.67 5.97
N TRP A 404 28.59 16.81 5.60
CA TRP A 404 29.17 17.00 4.26
C TRP A 404 30.69 16.97 4.13
N GLU A 405 31.40 16.88 5.25
CA GLU A 405 32.85 16.88 5.22
C GLU A 405 33.51 15.96 4.18
N ALA A 406 33.02 14.74 4.05
CA ALA A 406 33.64 13.83 3.09
C ALA A 406 33.46 14.24 1.65
N ASN A 407 32.34 14.90 1.33
CA ASN A 407 32.08 15.30 -0.06
C ASN A 407 32.75 16.60 -0.49
N GLY A 408 33.56 17.19 0.39
CA GLY A 408 34.23 18.41 0.05
C GLY A 408 35.74 18.37 0.15
N THR A 409 36.32 17.18 0.17
CA THR A 409 37.78 17.05 0.27
C THR A 409 38.40 17.24 -1.10
N ARG A 410 39.72 17.33 -1.12
CA ARG A 410 40.45 17.49 -2.37
C ARG A 410 40.26 16.25 -3.22
N GLU A 411 40.39 15.08 -2.58
CA GLU A 411 40.24 13.81 -3.27
C GLU A 411 38.84 13.70 -3.88
N PHE A 412 37.84 13.93 -3.05
CA PHE A 412 36.47 13.84 -3.52
C PHE A 412 36.22 14.81 -4.67
N LEU A 413 36.49 16.09 -4.44
CA LEU A 413 36.28 17.09 -5.48
C LEU A 413 37.01 16.77 -6.78
N ASP A 414 38.24 16.27 -6.71
CA ASP A 414 38.99 15.96 -7.93
C ASP A 414 38.39 14.78 -8.69
N ASN A 415 37.91 13.76 -7.97
CA ASN A 415 37.30 12.61 -8.63
C ASN A 415 35.98 12.99 -9.29
N ARG A 416 35.45 14.15 -8.93
CA ARG A 416 34.22 14.66 -9.51
C ARG A 416 34.62 15.57 -10.66
N LYS A 417 35.92 15.63 -10.91
CA LYS A 417 36.49 16.46 -11.97
C LYS A 417 36.37 17.94 -11.63
N LEU A 418 36.16 18.24 -10.35
CA LEU A 418 36.04 19.63 -9.94
C LEU A 418 37.42 20.10 -9.45
N PHE A 419 38.40 20.01 -10.35
CA PHE A 419 39.78 20.38 -10.06
C PHE A 419 39.92 21.84 -9.76
N HIS A 420 38.97 22.65 -10.20
CA HIS A 420 39.03 24.09 -9.96
C HIS A 420 38.13 24.56 -8.84
N ARG A 421 37.71 23.63 -8.02
CA ARG A 421 36.82 23.94 -6.90
C ARG A 421 37.60 23.87 -5.59
N GLU A 422 37.43 24.89 -4.76
CA GLU A 422 38.09 24.98 -3.47
C GLU A 422 37.53 23.94 -2.53
N VAL A 423 38.39 23.41 -1.67
CA VAL A 423 37.99 22.41 -0.69
C VAL A 423 36.79 22.90 0.10
N ASN A 424 35.82 22.01 0.26
CA ASN A 424 34.58 22.31 0.98
C ASN A 424 33.60 23.24 0.25
N ASP A 425 33.97 23.69 -0.94
CA ASP A 425 33.03 24.50 -1.71
C ASP A 425 32.25 23.41 -2.42
N LEU A 426 31.05 23.14 -1.94
CA LEU A 426 30.24 22.06 -2.49
C LEU A 426 29.48 22.32 -3.79
N GLY A 427 29.58 23.54 -4.32
CA GLY A 427 28.90 23.84 -5.57
C GLY A 427 27.43 24.14 -5.40
N PRO A 428 26.68 24.23 -6.51
CA PRO A 428 25.23 24.53 -6.55
C PRO A 428 24.32 23.43 -6.02
N ILE A 429 24.45 23.13 -4.74
CA ILE A 429 23.63 22.10 -4.13
C ILE A 429 22.40 22.71 -3.48
N TYR A 430 21.53 21.85 -2.94
CA TYR A 430 20.29 22.25 -2.27
C TYR A 430 20.13 23.72 -1.95
N GLY A 431 20.95 24.22 -1.04
CA GLY A 431 20.88 25.61 -0.64
C GLY A 431 20.81 26.54 -1.83
N PHE A 432 21.79 26.42 -2.71
CA PHE A 432 21.88 27.26 -3.88
C PHE A 432 20.64 27.12 -4.77
N GLN A 433 20.15 25.89 -4.96
CA GLN A 433 18.97 25.66 -5.79
C GLN A 433 17.66 26.20 -5.21
N TRP A 434 17.51 26.13 -3.89
CA TRP A 434 16.29 26.63 -3.24
C TRP A 434 16.13 28.14 -3.33
N ARG A 435 17.24 28.86 -3.30
CA ARG A 435 17.17 30.31 -3.35
C ARG A 435 17.65 30.99 -4.64
N HIS A 436 18.31 30.25 -5.54
CA HIS A 436 18.85 30.85 -6.77
C HIS A 436 18.86 29.97 -7.99
N PHE A 437 17.94 29.03 -8.08
CA PHE A 437 17.88 28.11 -9.22
C PHE A 437 17.94 28.88 -10.55
N GLY A 438 18.85 28.46 -11.43
CA GLY A 438 18.99 29.11 -12.72
C GLY A 438 20.17 30.07 -12.86
N ALA A 439 20.67 30.56 -11.73
CA ALA A 439 21.79 31.48 -11.75
C ALA A 439 23.09 30.70 -11.97
N GLU A 440 24.10 31.37 -12.52
CA GLU A 440 25.38 30.73 -12.77
C GLU A 440 26.16 30.72 -11.47
N TYR A 441 26.58 29.54 -11.05
CA TYR A 441 27.34 29.41 -9.82
C TYR A 441 28.76 29.87 -10.06
N THR A 442 29.34 30.58 -9.10
CA THR A 442 30.71 31.07 -9.21
C THR A 442 31.52 30.38 -8.10
N ASN A 443 31.30 30.78 -6.85
CA ASN A 443 31.95 30.16 -5.69
C ASN A 443 31.08 30.36 -4.44
N MET A 444 31.40 29.62 -3.39
CA MET A 444 30.62 29.69 -2.15
C MET A 444 30.67 31.02 -1.42
N TYR A 445 31.58 31.91 -1.81
CA TYR A 445 31.67 33.20 -1.12
C TYR A 445 30.88 34.30 -1.81
N ASP A 446 30.50 34.06 -3.06
CA ASP A 446 29.77 35.05 -3.85
C ASP A 446 28.42 35.41 -3.24
N ASN A 447 27.90 36.57 -3.63
CA ASN A 447 26.63 37.06 -3.12
C ASN A 447 25.41 36.35 -3.68
N TYR A 448 25.10 36.59 -4.95
CA TYR A 448 23.95 35.97 -5.61
C TYR A 448 22.64 36.62 -5.21
N GLU A 449 22.71 37.77 -4.53
CA GLU A 449 21.47 38.43 -4.11
C GLU A 449 20.57 38.77 -5.28
N ASN A 450 19.34 38.27 -5.20
CA ASN A 450 18.31 38.50 -6.23
C ASN A 450 18.62 37.92 -7.60
N LYS A 451 19.38 36.83 -7.63
CA LYS A 451 19.70 36.17 -8.90
C LYS A 451 19.11 34.77 -8.88
N GLY A 452 18.70 34.29 -10.04
CA GLY A 452 18.10 32.98 -10.12
C GLY A 452 16.71 33.01 -9.51
N VAL A 453 16.08 31.85 -9.41
CA VAL A 453 14.75 31.81 -8.86
C VAL A 453 14.76 31.44 -7.40
N ASP A 454 14.08 32.22 -6.58
CA ASP A 454 13.98 31.95 -5.15
C ASP A 454 12.72 31.06 -5.00
N GLN A 455 12.92 29.75 -5.19
CA GLN A 455 11.82 28.80 -5.11
C GLN A 455 11.18 28.80 -3.73
N LEU A 456 12.03 28.84 -2.71
CA LEU A 456 11.54 28.80 -1.34
C LEU A 456 10.48 29.88 -1.07
N LYS A 457 10.79 31.12 -1.42
CA LYS A 457 9.83 32.20 -1.18
C LYS A 457 8.60 32.01 -2.04
N ASN A 458 8.79 31.46 -3.22
CA ASN A 458 7.66 31.23 -4.11
C ASN A 458 6.67 30.25 -3.50
N ILE A 459 7.15 29.11 -3.00
CA ILE A 459 6.25 28.12 -2.43
C ILE A 459 5.57 28.69 -1.20
N ILE A 460 6.27 29.55 -0.48
CA ILE A 460 5.68 30.12 0.71
C ILE A 460 4.56 31.05 0.33
N ASN A 461 4.72 31.79 -0.77
CA ASN A 461 3.67 32.69 -1.22
C ASN A 461 2.51 31.91 -1.84
N LEU A 462 2.82 30.83 -2.55
CA LEU A 462 1.78 30.01 -3.16
C LEU A 462 0.90 29.37 -2.07
N ILE A 463 1.51 28.95 -0.96
CA ILE A 463 0.76 28.35 0.12
C ILE A 463 -0.14 29.37 0.80
N LYS A 464 0.35 30.60 0.91
CA LYS A 464 -0.39 31.69 1.54
C LYS A 464 -1.49 32.27 0.67
N ASN A 465 -1.21 32.46 -0.63
CA ASN A 465 -2.17 33.09 -1.51
C ASN A 465 -2.87 32.21 -2.54
N ASP A 466 -2.38 31.01 -2.77
CA ASP A 466 -3.01 30.13 -3.75
C ASP A 466 -2.96 28.69 -3.24
N PRO A 467 -3.47 28.46 -2.02
CA PRO A 467 -3.55 27.20 -1.28
C PRO A 467 -3.87 25.94 -2.10
N THR A 468 -4.76 26.07 -3.07
CA THR A 468 -5.17 24.93 -3.87
C THR A 468 -4.33 24.69 -5.12
N SER A 469 -3.29 25.49 -5.30
CA SER A 469 -2.41 25.31 -6.46
C SER A 469 -1.80 23.91 -6.42
N ARG A 470 -1.66 23.30 -7.58
CA ARG A 470 -1.09 21.98 -7.70
C ARG A 470 0.29 22.16 -8.33
N ARG A 471 0.91 23.30 -8.06
CA ARG A 471 2.21 23.61 -8.63
C ARG A 471 3.17 24.11 -7.57
N ILE A 472 2.94 23.71 -6.34
CA ILE A 472 3.80 24.12 -5.24
C ILE A 472 4.87 23.05 -5.01
N LEU A 473 6.00 23.19 -5.72
CA LEU A 473 7.10 22.24 -5.60
C LEU A 473 8.44 22.93 -5.39
N LEU A 474 9.31 22.29 -4.62
CA LEU A 474 10.64 22.82 -4.36
C LEU A 474 11.54 21.77 -5.02
N CYS A 475 12.18 22.12 -6.13
CA CYS A 475 13.03 21.16 -6.84
C CYS A 475 14.52 21.44 -6.75
N ALA A 476 15.27 20.43 -6.34
CA ALA A 476 16.72 20.55 -6.18
C ALA A 476 17.46 19.96 -7.36
N TRP A 477 16.80 19.09 -8.09
CA TRP A 477 17.42 18.44 -9.22
C TRP A 477 17.57 19.37 -10.42
N ASN A 478 18.55 20.27 -10.36
CA ASN A 478 18.81 21.18 -11.48
C ASN A 478 19.73 20.43 -12.43
N VAL A 479 19.15 19.86 -13.47
CA VAL A 479 19.88 19.09 -14.45
C VAL A 479 21.15 19.76 -14.96
N LYS A 480 21.08 21.06 -15.21
CA LYS A 480 22.21 21.80 -15.73
C LYS A 480 23.40 21.85 -14.77
N ASP A 481 23.09 21.99 -13.49
CA ASP A 481 24.12 22.10 -12.46
C ASP A 481 24.65 20.79 -11.89
N LEU A 482 23.96 19.68 -12.15
CA LEU A 482 24.36 18.39 -11.62
C LEU A 482 25.87 18.13 -11.52
N ASP A 483 26.59 18.24 -12.64
CA ASP A 483 28.03 17.98 -12.63
C ASP A 483 28.86 18.99 -11.84
N GLN A 484 28.31 20.17 -11.57
CA GLN A 484 29.05 21.17 -10.81
C GLN A 484 28.86 20.92 -9.32
N MET A 485 27.85 20.12 -8.98
CA MET A 485 27.56 19.80 -7.59
C MET A 485 28.55 18.77 -7.08
N ALA A 486 28.88 18.82 -5.79
CA ALA A 486 29.80 17.84 -5.22
C ALA A 486 29.23 16.46 -5.56
N LEU A 487 27.91 16.35 -5.47
CA LEU A 487 27.18 15.13 -5.82
C LEU A 487 25.72 15.52 -6.00
N PRO A 488 25.06 14.98 -7.04
CA PRO A 488 23.65 15.30 -7.29
C PRO A 488 22.75 15.07 -6.08
N PRO A 489 21.67 15.84 -5.96
CA PRO A 489 20.74 15.71 -4.84
C PRO A 489 20.00 14.37 -4.74
N CYS A 490 19.83 13.90 -3.50
CA CYS A 490 19.10 12.67 -3.25
C CYS A 490 17.62 12.98 -3.10
N HIS A 491 17.34 14.12 -2.49
CA HIS A 491 15.97 14.56 -2.28
C HIS A 491 15.68 15.45 -3.45
N ILE A 492 15.07 14.83 -4.46
CA ILE A 492 14.72 15.48 -5.72
C ILE A 492 13.79 16.66 -5.58
N LEU A 493 12.71 16.50 -4.83
CA LEU A 493 11.75 17.58 -4.71
C LEU A 493 10.75 17.37 -3.61
N CYS A 494 10.07 18.46 -3.26
CA CYS A 494 9.04 18.49 -2.25
C CYS A 494 7.81 19.11 -2.89
N GLN A 495 6.64 18.59 -2.56
CA GLN A 495 5.41 19.17 -3.08
C GLN A 495 4.50 19.34 -1.89
N PHE A 496 3.80 20.47 -1.83
CA PHE A 496 2.89 20.73 -0.72
C PHE A 496 1.44 20.65 -1.15
N TYR A 497 0.60 20.42 -0.15
CA TYR A 497 -0.84 20.28 -0.33
C TYR A 497 -1.47 21.00 0.87
N VAL A 498 -2.53 21.77 0.63
CA VAL A 498 -3.20 22.49 1.71
C VAL A 498 -4.69 22.21 1.71
N PHE A 499 -5.24 21.94 2.88
CA PHE A 499 -6.67 21.69 3.02
C PHE A 499 -7.15 21.98 4.43
N ASP A 500 -8.25 22.72 4.54
CA ASP A 500 -8.83 23.04 5.84
C ASP A 500 -7.76 23.53 6.84
N GLY A 501 -6.90 24.42 6.38
CA GLY A 501 -5.85 24.97 7.23
C GLY A 501 -4.73 24.05 7.64
N LYS A 502 -4.51 22.97 6.89
CA LYS A 502 -3.46 22.01 7.18
C LYS A 502 -2.54 21.79 5.98
N LEU A 503 -1.26 21.59 6.26
CA LEU A 503 -0.24 21.41 5.23
C LEU A 503 0.38 20.01 5.23
N SER A 504 0.44 19.42 4.04
CA SER A 504 1.04 18.10 3.88
C SER A 504 2.18 18.24 2.89
N CYS A 505 3.20 17.40 3.02
CA CYS A 505 4.37 17.47 2.15
C CYS A 505 4.78 16.12 1.59
N ILE A 506 5.10 16.09 0.29
CA ILE A 506 5.57 14.87 -0.35
C ILE A 506 7.01 15.11 -0.81
N MET A 507 7.92 14.24 -0.40
CA MET A 507 9.31 14.36 -0.82
C MET A 507 9.74 13.11 -1.58
N TYR A 508 10.23 13.28 -2.80
CA TYR A 508 10.66 12.15 -3.60
C TYR A 508 12.18 11.95 -3.49
N GLN A 509 12.58 10.78 -2.98
CA GLN A 509 14.00 10.48 -2.83
C GLN A 509 14.42 9.45 -3.89
N ARG A 510 15.37 9.83 -4.74
CA ARG A 510 15.81 8.95 -5.82
C ARG A 510 16.66 7.77 -5.34
N SER A 511 17.55 8.04 -4.39
CA SER A 511 18.44 7.03 -3.85
C SER A 511 18.20 7.02 -2.34
N CYS A 512 18.02 5.83 -1.76
CA CYS A 512 17.72 5.76 -0.33
C CYS A 512 18.47 4.72 0.49
N ASP A 513 19.39 5.20 1.31
CA ASP A 513 20.15 4.31 2.18
C ASP A 513 19.27 4.09 3.40
N LEU A 514 18.58 2.96 3.42
CA LEU A 514 17.68 2.63 4.51
C LEU A 514 18.32 2.53 5.89
N GLY A 515 19.53 1.98 5.95
CA GLY A 515 20.21 1.83 7.23
C GLY A 515 20.72 3.09 7.88
N LEU A 516 21.33 4.00 7.11
CA LEU A 516 21.85 5.23 7.68
C LEU A 516 21.14 6.51 7.27
N GLY A 517 20.85 6.63 5.98
CA GLY A 517 20.24 7.85 5.50
C GLY A 517 18.78 8.14 5.81
N VAL A 518 17.89 7.26 5.38
CA VAL A 518 16.45 7.44 5.57
C VAL A 518 16.02 7.90 6.97
N PRO A 519 16.60 7.32 8.03
CA PRO A 519 16.18 7.75 9.37
C PRO A 519 16.30 9.26 9.55
N PHE A 520 17.40 9.82 9.06
CA PHE A 520 17.64 11.26 9.18
C PHE A 520 16.79 12.05 8.19
N ASN A 521 16.62 11.50 6.99
CA ASN A 521 15.84 12.16 5.97
C ASN A 521 14.40 12.39 6.44
N ILE A 522 13.81 11.36 7.05
CA ILE A 522 12.45 11.46 7.59
C ILE A 522 12.37 12.59 8.61
N ALA A 523 13.37 12.70 9.46
CA ALA A 523 13.36 13.75 10.47
C ALA A 523 13.49 15.13 9.82
N SER A 524 14.43 15.24 8.87
CA SER A 524 14.67 16.49 8.19
C SER A 524 13.42 17.07 7.56
N TYR A 525 12.75 16.28 6.73
CA TYR A 525 11.56 16.81 6.08
C TYR A 525 10.37 16.98 6.98
N SER A 526 10.26 16.16 8.02
CA SER A 526 9.16 16.32 8.94
C SER A 526 9.37 17.67 9.59
N ILE A 527 10.61 17.95 9.97
CA ILE A 527 10.95 19.23 10.61
C ILE A 527 10.67 20.38 9.65
N PHE A 528 11.07 20.20 8.40
CA PHE A 528 10.87 21.23 7.39
C PHE A 528 9.40 21.53 7.21
N THR A 529 8.57 20.49 7.18
CA THR A 529 7.13 20.69 7.02
C THR A 529 6.55 21.52 8.17
N HIS A 530 7.01 21.25 9.39
CA HIS A 530 6.54 22.00 10.55
C HIS A 530 6.91 23.47 10.37
N MET A 531 8.11 23.70 9.86
CA MET A 531 8.61 25.05 9.64
C MET A 531 7.78 25.82 8.62
N ILE A 532 7.57 25.24 7.45
CA ILE A 532 6.79 25.91 6.40
C ILE A 532 5.37 26.18 6.89
N ALA A 533 4.72 25.16 7.44
CA ALA A 533 3.37 25.29 7.94
C ALA A 533 3.23 26.43 8.94
N GLN A 534 4.19 26.57 9.84
CA GLN A 534 4.11 27.63 10.83
C GLN A 534 4.13 29.02 10.21
N VAL A 535 5.18 29.33 9.44
CA VAL A 535 5.30 30.65 8.82
C VAL A 535 4.19 30.96 7.81
N CYS A 536 3.35 29.97 7.50
CA CYS A 536 2.25 30.20 6.58
C CYS A 536 0.93 30.17 7.34
N ASN A 537 1.03 30.16 8.66
CA ASN A 537 -0.13 30.13 9.55
C ASN A 537 -1.01 28.91 9.26
N LEU A 538 -0.42 27.72 9.34
CA LEU A 538 -1.14 26.50 9.11
C LEU A 538 -0.74 25.40 10.09
N GLN A 539 -1.49 24.33 10.14
CA GLN A 539 -1.18 23.20 11.01
C GLN A 539 -0.60 22.09 10.16
N PRO A 540 0.56 21.54 10.55
CA PRO A 540 1.16 20.46 9.77
C PRO A 540 0.29 19.23 9.83
N ALA A 541 0.11 18.58 8.69
CA ALA A 541 -0.70 17.38 8.62
C ALA A 541 0.21 16.18 8.34
N GLN A 542 0.17 15.68 7.12
CA GLN A 542 0.98 14.53 6.74
C GLN A 542 2.28 14.83 6.00
N PHE A 543 3.26 13.97 6.21
CA PHE A 543 4.52 14.08 5.51
C PHE A 543 4.67 12.76 4.76
N ILE A 544 4.45 12.78 3.45
CA ILE A 544 4.56 11.59 2.61
C ILE A 544 5.97 11.48 2.07
N HIS A 545 6.57 10.31 2.25
CA HIS A 545 7.94 10.05 1.81
C HIS A 545 7.94 9.00 0.69
N VAL A 546 8.34 9.38 -0.51
CA VAL A 546 8.37 8.44 -1.62
C VAL A 546 9.81 8.00 -1.89
N LEU A 547 10.03 6.68 -1.86
CA LEU A 547 11.36 6.14 -2.08
C LEU A 547 11.50 5.56 -3.47
N GLY A 548 12.56 5.95 -4.16
CA GLY A 548 12.81 5.42 -5.49
C GLY A 548 13.70 4.19 -5.34
N ASN A 549 15.00 4.35 -5.58
CA ASN A 549 15.90 3.22 -5.44
C ASN A 549 16.17 3.05 -3.95
N ALA A 550 15.53 2.04 -3.36
CA ALA A 550 15.66 1.76 -1.94
C ALA A 550 16.68 0.66 -1.68
N HIS A 551 17.76 0.97 -1.00
CA HIS A 551 18.76 -0.05 -0.77
C HIS A 551 19.25 -0.25 0.65
N VAL A 552 19.75 -1.46 0.88
CA VAL A 552 20.33 -1.86 2.15
C VAL A 552 21.74 -2.34 1.84
N TYR A 553 22.76 -1.65 2.37
CA TYR A 553 24.15 -2.05 2.16
C TYR A 553 24.41 -3.31 2.95
N ASN A 554 25.12 -4.25 2.35
CA ASN A 554 25.45 -5.50 3.04
C ASN A 554 26.03 -5.24 4.42
N ASN A 555 26.77 -4.15 4.55
CA ASN A 555 27.39 -3.77 5.82
C ASN A 555 26.37 -3.65 6.95
N HIS A 556 25.23 -3.06 6.62
CA HIS A 556 24.16 -2.79 7.58
C HIS A 556 23.27 -3.95 8.01
N ILE A 557 23.22 -5.01 7.22
CA ILE A 557 22.35 -6.14 7.53
C ILE A 557 22.36 -6.66 8.97
N ASP A 558 23.50 -7.13 9.47
CA ASP A 558 23.56 -7.65 10.83
C ASP A 558 22.99 -6.68 11.85
N SER A 559 23.26 -5.39 11.66
CA SER A 559 22.75 -4.39 12.58
C SER A 559 21.25 -4.13 12.40
N LEU A 560 20.76 -4.26 11.17
CA LEU A 560 19.35 -4.05 10.92
C LEU A 560 18.56 -5.23 11.45
N LYS A 561 19.15 -6.43 11.39
CA LYS A 561 18.48 -7.62 11.92
C LYS A 561 18.24 -7.38 13.42
N ILE A 562 19.23 -6.82 14.10
CA ILE A 562 19.09 -6.55 15.50
C ILE A 562 17.91 -5.59 15.66
N GLN A 563 17.99 -4.47 14.95
CA GLN A 563 16.96 -3.44 15.01
C GLN A 563 15.52 -3.93 14.77
N LEU A 564 15.31 -4.71 13.71
CA LEU A 564 13.97 -5.17 13.42
C LEU A 564 13.33 -5.97 14.54
N ASN A 565 14.13 -6.36 15.52
CA ASN A 565 13.58 -7.14 16.63
C ASN A 565 13.29 -6.34 17.86
N ARG A 566 13.47 -5.04 17.75
CA ARG A 566 13.17 -4.16 18.86
C ARG A 566 11.77 -3.62 18.63
N ILE A 567 10.98 -3.51 19.69
CA ILE A 567 9.63 -3.00 19.55
C ILE A 567 9.67 -1.50 19.76
N PRO A 568 9.08 -0.74 18.83
CA PRO A 568 9.03 0.73 18.87
C PRO A 568 8.47 1.29 20.17
N TYR A 569 8.90 2.51 20.52
CA TYR A 569 8.42 3.23 21.70
C TYR A 569 7.55 4.32 21.12
N PRO A 570 6.68 4.93 21.93
CA PRO A 570 5.85 5.98 21.32
C PRO A 570 6.69 7.18 20.92
N PHE A 571 6.50 7.63 19.68
CA PHE A 571 7.24 8.76 19.16
C PHE A 571 7.25 9.95 20.09
N PRO A 572 8.28 10.81 19.98
CA PRO A 572 8.38 12.00 20.82
C PRO A 572 7.62 13.10 20.08
N THR A 573 7.84 14.36 20.46
CA THR A 573 7.17 15.46 19.79
C THR A 573 8.15 16.59 19.47
N LEU A 574 7.79 17.41 18.50
CA LEU A 574 8.64 18.52 18.11
C LEU A 574 8.02 19.86 18.46
N LYS A 575 8.77 20.71 19.15
CA LYS A 575 8.29 22.03 19.51
C LYS A 575 9.12 23.12 18.85
N LEU A 576 8.44 24.01 18.14
CA LEU A 576 9.08 25.13 17.47
C LEU A 576 8.75 26.40 18.20
N ASN A 577 9.69 27.32 18.29
CA ASN A 577 9.42 28.59 18.94
C ASN A 577 8.25 29.19 18.14
N PRO A 578 7.12 29.45 18.80
CA PRO A 578 5.95 30.03 18.13
C PRO A 578 6.10 31.44 17.58
N ASP A 579 7.07 32.19 18.07
CA ASP A 579 7.27 33.57 17.62
C ASP A 579 7.71 33.68 16.16
N ILE A 580 8.69 32.89 15.75
CA ILE A 580 9.21 32.91 14.39
C ILE A 580 8.09 32.96 13.35
N LYS A 581 8.11 33.96 12.47
CA LYS A 581 7.07 34.07 11.44
C LYS A 581 7.60 34.06 10.00
N ASN A 582 8.92 34.18 9.84
CA ASN A 582 9.51 34.14 8.52
C ASN A 582 10.42 32.90 8.48
N ILE A 583 10.36 32.17 7.38
CA ILE A 583 11.16 30.94 7.24
C ILE A 583 12.65 31.14 7.45
N GLU A 584 13.12 32.38 7.31
CA GLU A 584 14.53 32.68 7.47
C GLU A 584 14.97 33.00 8.89
N ASP A 585 14.02 33.33 9.76
CA ASP A 585 14.34 33.72 11.14
C ASP A 585 14.51 32.61 12.17
N PHE A 586 14.59 31.35 11.74
CA PHE A 586 14.77 30.24 12.69
C PHE A 586 16.23 30.05 13.07
N THR A 587 16.47 29.64 14.30
CA THR A 587 17.83 29.35 14.78
C THR A 587 17.80 28.01 15.54
N ILE A 588 18.95 27.38 15.69
CA ILE A 588 19.01 26.08 16.36
C ILE A 588 18.26 26.01 17.70
N SER A 589 18.20 27.11 18.44
CA SER A 589 17.51 27.10 19.73
C SER A 589 16.00 27.24 19.62
N ASP A 590 15.47 27.30 18.41
CA ASP A 590 14.02 27.41 18.24
C ASP A 590 13.41 26.01 18.09
N PHE A 591 14.23 24.98 18.26
CA PHE A 591 13.77 23.60 18.12
C PHE A 591 13.92 22.73 19.36
N THR A 592 12.83 22.09 19.77
CA THR A 592 12.88 21.22 20.94
C THR A 592 12.24 19.87 20.70
N ILE A 593 13.03 18.80 20.83
CA ILE A 593 12.51 17.45 20.67
C ILE A 593 12.24 16.97 22.08
N GLN A 594 10.97 16.79 22.41
CA GLN A 594 10.59 16.34 23.75
C GLN A 594 10.14 14.89 23.84
N ASN A 595 10.46 14.26 24.97
CA ASN A 595 10.06 12.89 25.25
C ASN A 595 10.50 11.87 24.24
N TYR A 596 11.78 11.91 23.91
CA TYR A 596 12.30 10.97 22.96
C TYR A 596 12.79 9.77 23.78
N VAL A 597 12.04 8.68 23.70
CA VAL A 597 12.36 7.43 24.37
C VAL A 597 12.85 6.54 23.23
N HIS A 598 14.03 5.97 23.39
CA HIS A 598 14.60 5.16 22.32
C HIS A 598 15.44 3.99 22.82
N HIS A 599 15.77 3.10 21.91
CA HIS A 599 16.61 1.96 22.23
C HIS A 599 18.04 2.46 22.14
N GLU A 600 19.00 1.67 22.60
CA GLU A 600 20.40 2.11 22.55
C GLU A 600 20.82 2.30 21.10
N LYS A 601 21.79 3.18 20.87
CA LYS A 601 22.22 3.39 19.50
C LYS A 601 22.86 2.15 18.91
N ILE A 602 22.94 2.12 17.59
CA ILE A 602 23.52 0.99 16.88
C ILE A 602 24.48 1.54 15.85
N SER A 603 25.53 0.78 15.57
CA SER A 603 26.47 1.16 14.55
C SER A 603 26.12 0.26 13.37
N MET A 604 25.45 0.82 12.36
CA MET A 604 25.05 0.03 11.20
C MET A 604 26.27 -0.71 10.66
N ASP A 605 27.42 -0.12 10.93
CA ASP A 605 28.70 -0.65 10.49
C ASP A 605 29.48 -1.09 11.74
N MET A 606 29.78 -2.38 11.83
CA MET A 606 30.51 -2.89 12.98
C MET A 606 31.99 -3.16 12.73
N ALA A 607 32.59 -2.31 11.90
CA ALA A 607 34.02 -2.43 11.57
C ALA A 607 34.86 -1.81 12.69
N ALA A 608 35.91 -2.51 13.12
CA ALA A 608 36.78 -2.02 14.18
C ALA A 608 38.27 -2.24 13.90
N GLN B 4 -33.22 -29.12 -1.99
CA GLN B 4 -33.32 -29.82 -3.30
C GLN B 4 -32.70 -28.96 -4.40
N VAL B 5 -31.48 -28.48 -4.14
CA VAL B 5 -30.76 -27.61 -5.07
C VAL B 5 -29.50 -28.27 -5.65
N CYS B 6 -28.64 -27.46 -6.26
CA CYS B 6 -27.39 -27.92 -6.86
C CYS B 6 -26.20 -27.37 -6.07
N ASP B 7 -26.49 -26.86 -4.88
CA ASP B 7 -25.48 -26.30 -4.00
C ASP B 7 -25.08 -27.35 -2.97
N VAL B 8 -26.02 -28.22 -2.62
CA VAL B 8 -25.79 -29.28 -1.65
C VAL B 8 -24.60 -30.17 -1.99
N PHE B 9 -24.62 -30.75 -3.19
CA PHE B 9 -23.54 -31.64 -3.62
C PHE B 9 -22.25 -30.90 -4.02
N ASP B 10 -22.30 -29.57 -4.03
CA ASP B 10 -21.15 -28.75 -4.41
C ASP B 10 -20.63 -29.07 -5.80
N ILE B 11 -21.49 -28.93 -6.80
CA ILE B 11 -21.09 -29.21 -8.17
C ILE B 11 -20.65 -27.93 -8.85
N TYR B 12 -19.37 -27.85 -9.16
CA TYR B 12 -18.81 -26.68 -9.82
C TYR B 12 -18.43 -27.02 -11.25
N ALA B 13 -18.21 -25.98 -12.05
CA ALA B 13 -17.81 -26.13 -13.43
C ALA B 13 -16.57 -25.28 -13.65
N ILE B 14 -15.55 -25.87 -14.29
CA ILE B 14 -14.31 -25.16 -14.57
C ILE B 14 -14.00 -25.29 -16.07
N CYS B 15 -13.69 -24.16 -16.70
CA CYS B 15 -13.39 -24.16 -18.13
C CYS B 15 -12.43 -23.04 -18.49
N VAL B 16 -12.19 -22.91 -19.79
CA VAL B 16 -11.32 -21.89 -20.35
C VAL B 16 -11.76 -21.59 -21.78
N CYS B 17 -12.18 -20.36 -22.04
CA CYS B 17 -12.63 -20.00 -23.38
C CYS B 17 -11.78 -18.90 -24.00
N CYS B 18 -11.51 -19.05 -25.29
CA CYS B 18 -10.73 -18.06 -26.04
C CYS B 18 -11.68 -17.28 -26.93
N LYS B 19 -11.13 -16.37 -27.74
CA LYS B 19 -11.94 -15.57 -28.65
C LYS B 19 -12.09 -16.30 -29.98
N VAL B 20 -13.26 -16.17 -30.59
CA VAL B 20 -13.56 -16.84 -31.84
C VAL B 20 -13.14 -16.06 -33.08
N GLU B 21 -12.78 -16.79 -34.13
CA GLU B 21 -12.36 -16.18 -35.39
C GLU B 21 -13.57 -15.93 -36.28
N SER B 22 -13.35 -15.17 -37.36
CA SER B 22 -14.42 -14.86 -38.31
C SER B 22 -13.86 -14.45 -39.66
N LYS B 23 -13.95 -15.35 -40.64
CA LYS B 23 -13.47 -15.06 -41.98
C LYS B 23 -14.42 -14.10 -42.69
N ASN B 24 -15.35 -13.55 -41.91
CA ASN B 24 -16.35 -12.60 -42.37
C ASN B 24 -15.94 -11.20 -41.96
N GLU B 25 -15.47 -11.07 -40.72
CA GLU B 25 -15.05 -9.79 -40.16
C GLU B 25 -13.54 -9.61 -40.13
N GLY B 26 -12.82 -10.65 -39.67
CA GLY B 26 -11.37 -10.59 -39.60
C GLY B 26 -10.84 -10.76 -38.19
N LYS B 27 -9.93 -9.87 -37.78
CA LYS B 27 -9.34 -9.94 -36.44
C LYS B 27 -9.75 -8.79 -35.51
N LYS B 28 -9.86 -7.57 -36.05
CA LYS B 28 -10.26 -6.41 -35.26
C LYS B 28 -11.74 -6.51 -34.87
N ASN B 29 -12.05 -6.25 -33.60
CA ASN B 29 -13.42 -6.34 -33.11
C ASN B 29 -13.98 -4.96 -32.72
N GLU B 30 -15.28 -4.88 -32.45
CA GLU B 30 -15.92 -3.61 -32.08
C GLU B 30 -16.73 -3.58 -30.78
N VAL B 31 -17.66 -4.51 -30.60
CA VAL B 31 -18.46 -4.53 -29.37
C VAL B 31 -18.15 -5.75 -28.51
N PHE B 32 -17.81 -5.52 -27.25
CA PHE B 32 -17.45 -6.61 -26.34
C PHE B 32 -18.37 -6.79 -25.13
N ASN B 33 -18.43 -8.02 -24.65
CA ASN B 33 -19.20 -8.41 -23.48
C ASN B 33 -18.64 -9.76 -23.04
N ASN B 34 -19.07 -10.26 -21.88
CA ASN B 34 -18.57 -11.55 -21.39
C ASN B 34 -18.64 -12.66 -22.42
N TYR B 35 -19.71 -12.69 -23.20
CA TYR B 35 -19.86 -13.73 -24.20
C TYR B 35 -18.74 -13.74 -25.23
N THR B 36 -17.96 -12.66 -25.27
CA THR B 36 -16.83 -12.55 -26.20
C THR B 36 -15.91 -13.76 -26.06
N PHE B 37 -15.74 -14.23 -24.82
CA PHE B 37 -14.90 -15.38 -24.54
C PHE B 37 -15.76 -16.64 -24.49
N ARG B 38 -15.69 -17.45 -25.55
CA ARG B 38 -16.49 -18.67 -25.63
C ARG B 38 -15.85 -19.81 -26.42
N GLY B 39 -14.71 -19.57 -27.04
CA GLY B 39 -14.05 -20.63 -27.80
C GLY B 39 -13.64 -21.77 -26.88
N LEU B 40 -14.20 -22.96 -27.12
CA LEU B 40 -13.90 -24.12 -26.28
C LEU B 40 -12.99 -25.18 -26.90
N GLY B 41 -13.24 -25.52 -28.16
CA GLY B 41 -12.41 -26.53 -28.82
C GLY B 41 -12.46 -26.49 -30.32
N ASN B 42 -11.50 -27.15 -30.95
CA ASN B 42 -11.42 -27.20 -32.41
C ASN B 42 -10.86 -28.52 -32.93
N LYS B 43 -11.66 -29.20 -33.75
CA LYS B 43 -11.28 -30.47 -34.34
C LYS B 43 -10.83 -31.48 -33.29
N GLY B 44 -11.63 -31.62 -32.24
CA GLY B 44 -11.31 -32.56 -31.19
C GLY B 44 -10.36 -32.06 -30.11
N VAL B 45 -9.46 -31.15 -30.47
CA VAL B 45 -8.49 -30.61 -29.52
C VAL B 45 -8.84 -29.18 -29.11
N LEU B 46 -8.02 -28.60 -28.25
CA LEU B 46 -8.24 -27.24 -27.80
C LEU B 46 -7.85 -26.28 -28.92
N PRO B 47 -8.53 -25.12 -29.00
CA PRO B 47 -8.25 -24.10 -30.03
C PRO B 47 -6.78 -23.70 -30.09
N TRP B 48 -6.21 -23.46 -28.91
CA TRP B 48 -4.80 -23.10 -28.77
C TRP B 48 -4.08 -24.41 -28.42
N LYS B 49 -2.87 -24.59 -28.91
CA LYS B 49 -2.13 -25.82 -28.62
C LYS B 49 -2.15 -26.21 -27.15
N CYS B 50 -1.40 -25.46 -26.35
CA CYS B 50 -1.30 -25.72 -24.92
C CYS B 50 -1.05 -24.42 -24.17
N ASN B 51 -1.63 -24.29 -22.98
CA ASN B 51 -1.43 -23.10 -22.16
C ASN B 51 -1.00 -23.49 -20.75
N SER B 52 0.32 -23.56 -20.58
CA SER B 52 0.97 -23.95 -19.34
C SER B 52 0.39 -23.40 -18.04
N LEU B 53 0.12 -22.09 -18.01
CA LEU B 53 -0.42 -21.47 -16.79
C LEU B 53 -1.83 -21.94 -16.48
N ASP B 54 -2.67 -22.06 -17.51
CA ASP B 54 -4.03 -22.50 -17.29
C ASP B 54 -4.02 -23.94 -16.82
N MET B 55 -3.19 -24.76 -17.46
CA MET B 55 -3.06 -26.17 -17.08
C MET B 55 -2.62 -26.26 -15.63
N LYS B 56 -1.71 -25.37 -15.22
CA LYS B 56 -1.24 -25.38 -13.84
C LYS B 56 -2.38 -24.96 -12.94
N TYR B 57 -3.22 -24.05 -13.42
CA TYR B 57 -4.37 -23.56 -12.67
C TYR B 57 -5.35 -24.70 -12.44
N PHE B 58 -5.75 -25.34 -13.54
CA PHE B 58 -6.68 -26.46 -13.51
C PHE B 58 -6.20 -27.53 -12.53
N CYS B 59 -5.02 -28.09 -12.81
CA CYS B 59 -4.44 -29.13 -11.98
C CYS B 59 -4.36 -28.74 -10.49
N ALA B 60 -4.35 -27.45 -10.20
CA ALA B 60 -4.25 -27.01 -8.82
C ALA B 60 -5.61 -26.89 -8.14
N VAL B 61 -6.64 -26.60 -8.92
CA VAL B 61 -7.98 -26.45 -8.37
C VAL B 61 -8.68 -27.80 -8.19
N THR B 62 -8.61 -28.64 -9.22
CA THR B 62 -9.25 -29.94 -9.18
C THR B 62 -8.47 -30.97 -8.38
N THR B 63 -7.42 -30.54 -7.69
CA THR B 63 -6.61 -31.44 -6.88
C THR B 63 -6.57 -30.94 -5.44
N TYR B 64 -6.96 -29.69 -5.23
CA TYR B 64 -6.94 -29.11 -3.89
C TYR B 64 -8.05 -29.70 -3.03
N VAL B 65 -7.69 -30.05 -1.79
CA VAL B 65 -8.64 -30.64 -0.85
C VAL B 65 -8.49 -30.01 0.53
N ASN B 66 -9.60 -29.98 1.26
CA ASN B 66 -9.61 -29.42 2.61
C ASN B 66 -10.37 -30.38 3.52
N GLU B 67 -9.65 -31.36 4.06
CA GLU B 67 -10.25 -32.36 4.94
C GLU B 67 -10.97 -31.77 6.16
N SER B 68 -10.38 -30.76 6.77
CA SER B 68 -10.98 -30.12 7.94
C SER B 68 -12.24 -29.33 7.59
N LYS B 69 -12.61 -29.34 6.32
CA LYS B 69 -13.79 -28.60 5.88
C LYS B 69 -14.90 -29.54 5.40
N TYR B 70 -14.56 -30.82 5.24
CA TYR B 70 -15.52 -31.81 4.78
C TYR B 70 -16.60 -32.04 5.84
N GLU B 71 -16.34 -31.55 7.05
CA GLU B 71 -17.26 -31.67 8.18
C GLU B 71 -18.68 -31.29 7.74
N LYS B 72 -18.86 -30.00 7.50
CA LYS B 72 -20.14 -29.42 7.10
C LYS B 72 -20.86 -30.12 5.95
N LEU B 73 -20.09 -30.76 5.07
CA LEU B 73 -20.69 -31.48 3.93
C LEU B 73 -21.26 -32.84 4.30
N LYS B 74 -20.48 -33.66 5.00
CA LYS B 74 -20.96 -34.98 5.41
C LYS B 74 -22.30 -34.71 6.08
N TYR B 75 -22.33 -33.63 6.86
CA TYR B 75 -23.54 -33.22 7.57
C TYR B 75 -24.59 -32.87 6.53
N LYS B 76 -24.43 -31.72 5.87
CA LYS B 76 -25.38 -31.26 4.86
C LYS B 76 -25.77 -32.29 3.80
N ARG B 77 -24.78 -33.01 3.25
CA ARG B 77 -25.05 -34.00 2.21
C ARG B 77 -25.92 -35.16 2.65
N CYS B 78 -25.49 -35.91 3.67
CA CYS B 78 -26.28 -37.04 4.16
C CYS B 78 -27.56 -36.58 4.86
N LYS B 79 -27.46 -35.49 5.61
CA LYS B 79 -28.58 -34.94 6.35
C LYS B 79 -29.75 -34.48 5.47
N TYR B 80 -29.48 -34.17 4.21
CA TYR B 80 -30.55 -33.72 3.31
C TYR B 80 -31.03 -34.80 2.35
N LEU B 81 -30.30 -35.91 2.27
CA LEU B 81 -30.70 -37.02 1.40
C LEU B 81 -31.57 -37.92 2.25
N ASN B 82 -31.48 -37.72 3.56
CA ASN B 82 -32.23 -38.52 4.53
C ASN B 82 -31.79 -39.97 4.42
N LYS B 83 -30.50 -40.15 4.15
CA LYS B 83 -29.88 -41.48 4.02
C LYS B 83 -28.47 -41.32 4.58
N GLU B 84 -27.67 -42.38 4.54
CA GLU B 84 -26.30 -42.30 5.07
C GLU B 84 -25.32 -41.87 3.98
N THR B 85 -24.04 -42.01 4.27
CA THR B 85 -22.99 -41.66 3.31
C THR B 85 -22.87 -42.74 2.25
N VAL B 86 -23.50 -43.88 2.51
CA VAL B 86 -23.51 -45.04 1.62
C VAL B 86 -22.16 -45.77 1.62
N LYS B 97 -8.50 -39.79 3.24
CA LYS B 97 -7.82 -38.99 2.23
C LYS B 97 -8.77 -38.70 1.07
N LEU B 98 -9.71 -37.79 1.29
CA LEU B 98 -10.69 -37.45 0.25
C LEU B 98 -10.07 -36.69 -0.93
N GLN B 99 -10.61 -36.97 -2.12
CA GLN B 99 -10.18 -36.34 -3.35
C GLN B 99 -11.36 -35.60 -3.95
N ASN B 100 -11.17 -35.07 -5.15
CA ASN B 100 -12.22 -34.34 -5.84
C ASN B 100 -12.67 -35.18 -7.02
N VAL B 101 -13.86 -34.89 -7.53
CA VAL B 101 -14.41 -35.61 -8.67
C VAL B 101 -14.28 -34.78 -9.95
N VAL B 102 -14.03 -35.46 -11.06
CA VAL B 102 -13.90 -34.80 -12.34
C VAL B 102 -14.80 -35.48 -13.35
N VAL B 103 -15.87 -34.79 -13.74
CA VAL B 103 -16.84 -35.31 -14.70
C VAL B 103 -16.57 -34.75 -16.09
N MET B 104 -16.49 -35.64 -17.07
CA MET B 104 -16.22 -35.22 -18.44
C MET B 104 -17.03 -36.01 -19.45
N GLY B 105 -17.00 -35.59 -20.71
CA GLY B 105 -17.71 -36.28 -21.76
C GLY B 105 -16.77 -37.33 -22.33
N ARG B 106 -17.31 -38.31 -23.03
CA ARG B 106 -16.48 -39.37 -23.61
C ARG B 106 -15.34 -38.77 -24.44
N THR B 107 -15.68 -37.84 -25.33
CA THR B 107 -14.69 -37.17 -26.18
C THR B 107 -13.67 -36.48 -25.29
N THR B 108 -14.18 -35.75 -24.30
CA THR B 108 -13.31 -35.03 -23.36
C THR B 108 -12.30 -36.02 -22.78
N TRP B 109 -12.80 -37.17 -22.34
CA TRP B 109 -11.95 -38.22 -21.78
C TRP B 109 -11.10 -38.83 -22.88
N GLU B 110 -11.68 -38.89 -24.08
CA GLU B 110 -11.01 -39.46 -25.23
C GLU B 110 -9.70 -38.72 -25.57
N SER B 111 -9.81 -37.40 -25.73
CA SER B 111 -8.66 -36.56 -26.05
C SER B 111 -7.49 -36.69 -25.09
N ILE B 112 -7.79 -36.95 -23.82
CA ILE B 112 -6.74 -37.11 -22.82
C ILE B 112 -5.78 -38.19 -23.31
N PRO B 113 -4.47 -37.99 -23.11
CA PRO B 113 -3.48 -38.98 -23.54
C PRO B 113 -3.35 -40.11 -22.51
N LYS B 114 -2.94 -41.29 -22.98
CA LYS B 114 -2.78 -42.43 -22.09
C LYS B 114 -1.86 -42.15 -20.91
N LYS B 115 -0.79 -41.40 -21.16
CA LYS B 115 0.16 -41.06 -20.11
C LYS B 115 -0.49 -40.43 -18.88
N PHE B 116 -1.26 -39.37 -19.11
CA PHE B 116 -1.91 -38.64 -18.02
C PHE B 116 -3.37 -39.06 -17.80
N LYS B 117 -3.70 -40.29 -18.20
CA LYS B 117 -5.05 -40.83 -18.05
C LYS B 117 -4.97 -42.09 -17.19
N PRO B 118 -5.80 -42.18 -16.14
CA PRO B 118 -6.81 -41.20 -15.71
C PRO B 118 -6.17 -39.97 -15.08
N LEU B 119 -6.94 -38.87 -15.01
CA LEU B 119 -6.45 -37.63 -14.43
C LEU B 119 -6.01 -37.90 -12.99
N SER B 120 -4.71 -37.78 -12.77
CA SER B 120 -4.05 -38.02 -11.50
C SER B 120 -4.72 -37.42 -10.25
N ASN B 121 -4.87 -38.24 -9.22
CA ASN B 121 -5.45 -37.83 -7.94
C ASN B 121 -6.90 -37.38 -7.96
N ARG B 122 -7.57 -37.54 -9.08
CA ARG B 122 -8.97 -37.14 -9.19
C ARG B 122 -9.91 -38.29 -9.49
N ILE B 123 -11.07 -38.29 -8.84
CA ILE B 123 -12.06 -39.34 -9.07
C ILE B 123 -12.67 -39.15 -10.45
N ASN B 124 -12.09 -39.82 -11.44
CA ASN B 124 -12.54 -39.72 -12.82
C ASN B 124 -13.93 -40.30 -13.04
N VAL B 125 -14.74 -39.59 -13.82
CA VAL B 125 -16.11 -40.00 -14.11
C VAL B 125 -16.50 -39.62 -15.54
N ILE B 126 -17.03 -40.58 -16.28
CA ILE B 126 -17.44 -40.31 -17.66
C ILE B 126 -18.95 -40.42 -17.79
N LEU B 127 -19.58 -39.35 -18.28
CA LEU B 127 -21.02 -39.31 -18.46
C LEU B 127 -21.46 -39.92 -19.80
N SER B 128 -20.68 -40.86 -20.32
CA SER B 128 -20.97 -41.50 -21.61
C SER B 128 -22.19 -42.43 -21.69
N ARG B 129 -22.67 -42.65 -22.92
CA ARG B 129 -23.82 -43.51 -23.19
C ARG B 129 -23.45 -44.96 -23.49
N THR B 130 -22.63 -45.16 -24.52
CA THR B 130 -22.21 -46.49 -24.95
C THR B 130 -20.86 -46.94 -24.39
N LEU B 131 -20.44 -46.37 -23.27
CA LEU B 131 -19.16 -46.74 -22.70
C LEU B 131 -19.23 -48.03 -21.90
N LYS B 132 -18.45 -49.03 -22.31
CA LYS B 132 -18.41 -50.32 -21.62
C LYS B 132 -17.64 -50.17 -20.31
N LYS B 133 -18.35 -49.97 -19.20
CA LYS B 133 -17.68 -49.83 -17.91
C LYS B 133 -16.76 -51.04 -17.70
N GLU B 134 -17.12 -52.15 -18.33
CA GLU B 134 -16.37 -53.40 -18.25
C GLU B 134 -14.96 -53.26 -18.80
N ASP B 135 -14.70 -52.14 -19.49
CA ASP B 135 -13.38 -51.90 -20.08
C ASP B 135 -12.61 -50.74 -19.42
N PHE B 136 -13.03 -50.36 -18.21
CA PHE B 136 -12.38 -49.28 -17.49
C PHE B 136 -12.07 -49.70 -16.06
N ASP B 137 -11.27 -48.88 -15.37
CA ASP B 137 -10.89 -49.17 -13.98
C ASP B 137 -12.08 -49.45 -13.07
N GLU B 138 -11.76 -49.90 -11.86
CA GLU B 138 -12.75 -50.20 -10.84
C GLU B 138 -12.92 -48.91 -10.04
N ASP B 139 -12.09 -47.92 -10.36
CA ASP B 139 -12.12 -46.63 -9.70
C ASP B 139 -12.51 -45.55 -10.70
N VAL B 140 -12.74 -45.95 -11.95
CA VAL B 140 -13.14 -45.01 -12.99
C VAL B 140 -14.64 -45.19 -13.21
N TYR B 141 -15.41 -44.54 -12.36
CA TYR B 141 -16.87 -44.60 -12.38
C TYR B 141 -17.46 -44.05 -13.68
N ILE B 142 -18.67 -44.50 -14.00
CA ILE B 142 -19.37 -44.07 -15.22
C ILE B 142 -20.87 -43.97 -14.95
N ILE B 143 -21.55 -43.19 -15.78
CA ILE B 143 -23.00 -43.01 -15.66
C ILE B 143 -23.61 -42.90 -17.06
N ASN B 144 -24.87 -43.32 -17.18
CA ASN B 144 -25.57 -43.30 -18.47
C ASN B 144 -26.33 -41.99 -18.71
N LYS B 145 -26.95 -41.46 -17.67
CA LYS B 145 -27.71 -40.22 -17.77
C LYS B 145 -27.15 -39.18 -16.82
N VAL B 146 -27.46 -37.91 -17.08
CA VAL B 146 -26.98 -36.83 -16.23
C VAL B 146 -27.48 -37.08 -14.80
N GLU B 147 -28.80 -37.20 -14.67
CA GLU B 147 -29.43 -37.44 -13.38
C GLU B 147 -28.64 -38.44 -12.53
N ASP B 148 -28.00 -39.39 -13.20
CA ASP B 148 -27.22 -40.42 -12.51
C ASP B 148 -26.05 -39.91 -11.69
N LEU B 149 -25.58 -38.70 -11.98
CA LEU B 149 -24.45 -38.14 -11.23
C LEU B 149 -24.83 -37.96 -9.76
N ILE B 150 -25.96 -37.31 -9.53
CA ILE B 150 -26.46 -37.05 -8.19
C ILE B 150 -26.37 -38.30 -7.32
N VAL B 151 -26.63 -39.45 -7.93
CA VAL B 151 -26.58 -40.71 -7.21
C VAL B 151 -25.15 -41.04 -6.77
N LEU B 152 -24.26 -41.24 -7.73
CA LEU B 152 -22.88 -41.57 -7.42
C LEU B 152 -22.30 -40.66 -6.36
N LEU B 153 -22.66 -39.38 -6.41
CA LEU B 153 -22.16 -38.43 -5.43
C LEU B 153 -22.73 -38.74 -4.05
N GLY B 154 -24.04 -38.81 -3.96
CA GLY B 154 -24.68 -39.10 -2.69
C GLY B 154 -24.23 -40.42 -2.09
N LYS B 155 -23.45 -41.17 -2.85
CA LYS B 155 -22.93 -42.47 -2.41
C LYS B 155 -21.44 -42.42 -2.11
N LEU B 156 -20.75 -41.40 -2.63
CA LEU B 156 -19.31 -41.24 -2.41
C LEU B 156 -19.03 -40.24 -1.28
N ASN B 157 -17.75 -40.03 -0.98
CA ASN B 157 -17.35 -39.09 0.07
C ASN B 157 -16.22 -38.18 -0.39
N TYR B 158 -16.44 -37.55 -1.55
CA TYR B 158 -15.49 -36.63 -2.19
C TYR B 158 -15.54 -35.25 -1.54
N TYR B 159 -14.67 -34.35 -1.97
CA TYR B 159 -14.65 -32.98 -1.45
C TYR B 159 -15.51 -32.08 -2.31
N LYS B 160 -15.22 -32.05 -3.62
CA LYS B 160 -15.99 -31.24 -4.56
C LYS B 160 -16.12 -31.93 -5.91
N CYS B 161 -17.13 -31.52 -6.68
CA CYS B 161 -17.38 -32.09 -8.01
C CYS B 161 -17.18 -31.03 -9.09
N PHE B 162 -16.18 -31.23 -9.94
CA PHE B 162 -15.88 -30.29 -11.01
C PHE B 162 -16.28 -30.82 -12.39
N ILE B 163 -17.11 -30.06 -13.10
CA ILE B 163 -17.52 -30.44 -14.44
C ILE B 163 -16.47 -29.84 -15.36
N ILE B 164 -15.59 -30.68 -15.89
CA ILE B 164 -14.50 -30.23 -16.75
C ILE B 164 -14.74 -30.35 -18.25
N GLY B 165 -16.00 -30.45 -18.66
CA GLY B 165 -16.29 -30.56 -20.09
C GLY B 165 -17.03 -31.81 -20.51
N GLY B 166 -17.35 -31.91 -21.80
CA GLY B 166 -17.00 -30.87 -22.76
C GLY B 166 -18.08 -29.86 -23.06
N SER B 167 -18.04 -29.34 -24.30
CA SER B 167 -19.01 -28.34 -24.75
C SER B 167 -20.42 -28.78 -24.43
N VAL B 168 -20.82 -29.90 -25.01
CA VAL B 168 -22.15 -30.46 -24.80
C VAL B 168 -22.44 -30.67 -23.32
N VAL B 169 -21.46 -31.22 -22.61
CA VAL B 169 -21.61 -31.48 -21.18
C VAL B 169 -21.91 -30.21 -20.38
N TYR B 170 -21.25 -29.10 -20.73
CA TYR B 170 -21.47 -27.83 -20.03
C TYR B 170 -22.90 -27.32 -20.23
N GLN B 171 -23.36 -27.36 -21.48
CA GLN B 171 -24.71 -26.92 -21.82
C GLN B 171 -25.76 -27.60 -20.94
N GLU B 172 -25.82 -28.93 -21.07
CA GLU B 172 -26.76 -29.75 -20.31
C GLU B 172 -26.78 -29.38 -18.84
N PHE B 173 -25.60 -29.34 -18.22
CA PHE B 173 -25.49 -29.01 -16.80
C PHE B 173 -25.99 -27.61 -16.46
N LEU B 174 -25.63 -26.63 -17.30
CA LEU B 174 -26.06 -25.25 -17.06
C LEU B 174 -27.58 -25.12 -17.13
N GLU B 175 -28.16 -25.74 -18.16
CA GLU B 175 -29.60 -25.71 -18.35
C GLU B 175 -30.32 -26.25 -17.12
N LYS B 176 -29.80 -27.35 -16.59
CA LYS B 176 -30.39 -27.98 -15.42
C LYS B 176 -30.10 -27.23 -14.12
N LYS B 177 -29.54 -26.02 -14.23
CA LYS B 177 -29.23 -25.22 -13.05
C LYS B 177 -28.48 -26.08 -12.04
N LEU B 178 -27.59 -26.94 -12.53
CA LEU B 178 -26.82 -27.82 -11.65
C LEU B 178 -25.44 -27.28 -11.29
N ILE B 179 -25.14 -26.04 -11.68
CA ILE B 179 -23.84 -25.44 -11.40
C ILE B 179 -23.86 -24.39 -10.29
N LYS B 180 -23.00 -24.58 -9.30
CA LYS B 180 -22.88 -23.69 -8.16
C LYS B 180 -21.97 -22.50 -8.51
N LYS B 181 -20.86 -22.79 -9.15
CA LYS B 181 -19.91 -21.77 -9.55
C LYS B 181 -19.23 -22.14 -10.86
N ILE B 182 -18.78 -21.14 -11.61
CA ILE B 182 -18.09 -21.38 -12.88
C ILE B 182 -16.70 -20.78 -12.89
N TYR B 183 -15.67 -21.62 -12.81
CA TYR B 183 -14.30 -21.15 -12.85
C TYR B 183 -13.96 -20.97 -14.32
N PHE B 184 -14.05 -19.73 -14.76
CA PHE B 184 -13.84 -19.36 -16.14
C PHE B 184 -12.49 -18.70 -16.40
N THR B 185 -11.65 -19.36 -17.18
CA THR B 185 -10.34 -18.83 -17.54
C THR B 185 -10.56 -18.06 -18.83
N ARG B 186 -10.04 -16.83 -18.92
CA ARG B 186 -10.21 -16.05 -20.14
C ARG B 186 -8.91 -15.89 -20.92
N ILE B 187 -8.83 -16.53 -22.08
CA ILE B 187 -7.66 -16.41 -22.93
C ILE B 187 -7.94 -15.28 -23.91
N ASN B 188 -7.26 -14.16 -23.71
CA ASN B 188 -7.44 -12.98 -24.54
C ASN B 188 -6.65 -13.08 -25.85
N SER B 189 -7.05 -14.05 -26.67
CA SER B 189 -6.41 -14.33 -27.95
C SER B 189 -7.44 -15.09 -28.81
N THR B 190 -7.49 -14.80 -30.10
CA THR B 190 -8.44 -15.46 -31.01
C THR B 190 -7.90 -16.72 -31.68
N TYR B 191 -8.77 -17.71 -31.84
CA TYR B 191 -8.40 -18.98 -32.48
C TYR B 191 -9.59 -19.56 -33.26
N GLU B 192 -9.29 -20.53 -34.13
CA GLU B 192 -10.32 -21.20 -34.93
C GLU B 192 -11.06 -22.17 -34.03
N CYS B 193 -12.39 -22.11 -34.03
CA CYS B 193 -13.19 -22.99 -33.19
C CYS B 193 -14.41 -23.62 -33.87
N ASP B 194 -14.85 -24.76 -33.33
CA ASP B 194 -16.02 -25.47 -33.85
C ASP B 194 -17.01 -25.76 -32.73
N VAL B 195 -16.54 -25.70 -31.49
CA VAL B 195 -17.38 -25.93 -30.31
C VAL B 195 -17.22 -24.72 -29.39
N PHE B 196 -18.32 -24.31 -28.76
CA PHE B 196 -18.29 -23.14 -27.89
C PHE B 196 -19.05 -23.30 -26.58
N PHE B 197 -18.77 -22.42 -25.63
CA PHE B 197 -19.41 -22.45 -24.33
C PHE B 197 -20.77 -21.74 -24.45
N PRO B 198 -21.75 -22.17 -23.64
CA PRO B 198 -23.08 -21.55 -23.69
C PRO B 198 -23.07 -20.12 -23.21
N GLU B 199 -23.84 -19.25 -23.86
CA GLU B 199 -23.88 -17.87 -23.44
C GLU B 199 -24.41 -17.81 -22.01
N ILE B 200 -23.56 -17.38 -21.09
CA ILE B 200 -23.93 -17.27 -19.69
C ILE B 200 -25.01 -16.22 -19.47
N ASN B 201 -26.02 -16.57 -18.68
CA ASN B 201 -27.10 -15.63 -18.39
C ASN B 201 -26.77 -14.90 -17.08
N GLU B 202 -26.44 -13.63 -17.22
CA GLU B 202 -26.07 -12.81 -16.09
C GLU B 202 -27.20 -12.58 -15.07
N ASN B 203 -28.36 -13.16 -15.32
CA ASN B 203 -29.47 -13.03 -14.38
C ASN B 203 -29.39 -14.17 -13.38
N GLU B 204 -28.91 -15.32 -13.83
CA GLU B 204 -28.79 -16.49 -12.97
C GLU B 204 -27.33 -16.75 -12.56
N TYR B 205 -26.42 -15.94 -13.10
CA TYR B 205 -25.00 -16.06 -12.79
C TYR B 205 -24.30 -14.71 -12.74
N GLN B 206 -23.49 -14.50 -11.72
CA GLN B 206 -22.76 -13.26 -11.53
C GLN B 206 -21.27 -13.48 -11.25
N ILE B 207 -20.45 -12.48 -11.52
CA ILE B 207 -19.01 -12.56 -11.28
C ILE B 207 -18.70 -12.03 -9.88
N ILE B 208 -17.95 -12.81 -9.10
CA ILE B 208 -17.60 -12.41 -7.75
C ILE B 208 -16.14 -12.00 -7.59
N SER B 209 -15.25 -12.71 -8.27
CA SER B 209 -13.83 -12.40 -8.18
C SER B 209 -13.15 -12.42 -9.54
N VAL B 210 -12.15 -11.57 -9.66
CA VAL B 210 -11.36 -11.43 -10.88
C VAL B 210 -9.90 -11.46 -10.44
N SER B 211 -9.10 -12.32 -11.07
CA SER B 211 -7.70 -12.43 -10.67
C SER B 211 -6.76 -11.45 -11.37
N ASP B 212 -5.48 -11.61 -11.09
CA ASP B 212 -4.44 -10.78 -11.69
C ASP B 212 -4.36 -11.25 -13.14
N VAL B 213 -3.74 -10.43 -14.00
CA VAL B 213 -3.61 -10.80 -15.40
C VAL B 213 -2.19 -11.35 -15.57
N TYR B 214 -2.02 -12.32 -16.45
CA TYR B 214 -0.71 -12.93 -16.68
C TYR B 214 -0.48 -13.13 -18.17
N THR B 215 0.75 -13.49 -18.52
CA THR B 215 1.08 -13.78 -19.90
C THR B 215 1.57 -15.23 -19.89
N SER B 216 1.03 -16.03 -20.79
CA SER B 216 1.43 -17.43 -20.87
C SER B 216 1.25 -17.91 -22.29
N ASN B 217 2.33 -18.44 -22.86
CA ASN B 217 2.34 -18.95 -24.23
C ASN B 217 1.91 -17.91 -25.26
N ASN B 218 2.55 -16.74 -25.20
CA ASN B 218 2.27 -15.67 -26.15
C ASN B 218 0.80 -15.23 -26.16
N THR B 219 0.26 -14.92 -24.99
CA THR B 219 -1.12 -14.47 -24.86
C THR B 219 -1.42 -14.15 -23.40
N THR B 220 -2.14 -13.06 -23.14
CA THR B 220 -2.49 -12.70 -21.77
C THR B 220 -3.73 -13.52 -21.40
N LEU B 221 -3.98 -13.64 -20.10
CA LEU B 221 -5.12 -14.39 -19.62
C LEU B 221 -5.39 -14.07 -18.16
N ASP B 222 -6.64 -14.28 -17.74
CA ASP B 222 -7.01 -14.08 -16.36
C ASP B 222 -8.03 -15.13 -15.95
N PHE B 223 -8.29 -15.22 -14.64
CA PHE B 223 -9.22 -16.19 -14.11
C PHE B 223 -10.31 -15.47 -13.32
N ILE B 224 -11.56 -15.67 -13.73
CA ILE B 224 -12.69 -15.03 -13.04
C ILE B 224 -13.61 -16.11 -12.48
N ILE B 225 -14.45 -15.72 -11.51
CA ILE B 225 -15.35 -16.70 -10.90
C ILE B 225 -16.82 -16.29 -10.94
N TYR B 226 -17.63 -17.17 -11.50
CA TYR B 226 -19.07 -16.97 -11.59
C TYR B 226 -19.71 -17.71 -10.42
N LYS B 227 -20.60 -17.00 -9.73
CA LYS B 227 -21.30 -17.57 -8.57
C LYS B 227 -22.80 -17.43 -8.84
N LYS B 228 -23.53 -18.53 -8.74
CA LYS B 228 -24.98 -18.49 -8.98
C LYS B 228 -25.63 -17.61 -7.93
N THR B 229 -26.36 -16.61 -8.37
CA THR B 229 -27.05 -15.69 -7.46
C THR B 229 -27.95 -16.44 -6.48
N ASN B 230 -27.84 -16.09 -5.20
CA ASN B 230 -28.63 -16.69 -4.14
C ASN B 230 -30.12 -16.58 -4.46
N ASN B 231 -30.47 -15.54 -5.22
CA ASN B 231 -31.84 -15.27 -5.62
C ASN B 231 -32.34 -16.34 -6.60
N ASP B 283 -7.02 -16.89 15.84
CA ASP B 283 -8.13 -17.21 16.76
C ASP B 283 -9.04 -16.00 16.99
N ASP B 284 -9.99 -16.15 17.90
CA ASP B 284 -10.93 -15.08 18.22
C ASP B 284 -10.27 -14.10 19.19
N GLU B 285 -9.13 -14.52 19.74
CA GLU B 285 -8.39 -13.69 20.67
C GLU B 285 -7.96 -12.39 20.00
N GLU B 286 -7.08 -12.52 19.01
CA GLU B 286 -6.59 -11.35 18.28
C GLU B 286 -7.71 -10.71 17.46
N GLU B 287 -8.80 -11.44 17.24
CA GLU B 287 -9.92 -10.91 16.47
C GLU B 287 -10.52 -9.70 17.18
N ASP B 288 -10.72 -9.81 18.50
CA ASP B 288 -11.26 -8.70 19.28
C ASP B 288 -10.21 -7.58 19.39
N ASP B 289 -8.95 -7.97 19.57
CA ASP B 289 -7.89 -6.99 19.65
C ASP B 289 -7.94 -6.09 18.44
N PHE B 290 -8.30 -6.66 17.29
CA PHE B 290 -8.40 -5.88 16.05
C PHE B 290 -9.43 -4.78 16.24
N VAL B 291 -10.51 -5.07 16.96
CA VAL B 291 -11.55 -4.08 17.20
C VAL B 291 -11.10 -2.95 18.12
N TYR B 292 -10.37 -3.28 19.17
CA TYR B 292 -9.92 -2.25 20.10
C TYR B 292 -8.97 -1.27 19.40
N PHE B 293 -8.18 -1.80 18.48
CA PHE B 293 -7.24 -0.95 17.79
C PHE B 293 -7.90 0.02 16.80
N ASN B 294 -9.12 -0.28 16.38
CA ASN B 294 -9.83 0.60 15.46
C ASN B 294 -10.87 1.42 16.21
N PHE B 295 -10.65 1.58 17.51
CA PHE B 295 -11.57 2.31 18.37
C PHE B 295 -11.70 3.79 18.09
N ASN B 296 -10.71 4.38 17.45
CA ASN B 296 -10.74 5.81 17.18
C ASN B 296 -11.11 6.17 15.76
N LYS B 297 -11.04 5.20 14.86
CA LYS B 297 -11.37 5.45 13.46
C LYS B 297 -12.78 5.99 13.26
N GLU B 298 -12.97 6.65 12.12
CA GLU B 298 -14.25 7.25 11.78
C GLU B 298 -15.33 6.25 11.37
N LYS B 299 -16.53 6.46 11.91
CA LYS B 299 -17.68 5.61 11.64
C LYS B 299 -17.99 5.60 10.14
N GLU B 300 -18.29 6.78 9.61
CA GLU B 300 -18.63 6.93 8.19
C GLU B 300 -17.46 7.49 7.39
N GLU B 301 -17.73 7.81 6.13
CA GLU B 301 -16.73 8.38 5.23
C GLU B 301 -17.16 9.79 4.88
N LYS B 302 -16.18 10.66 4.61
CA LYS B 302 -16.46 12.05 4.29
C LYS B 302 -17.65 12.30 3.35
N ASN B 303 -17.57 11.76 2.13
CA ASN B 303 -18.62 11.97 1.15
C ASN B 303 -19.53 10.75 0.95
N LYS B 304 -19.55 9.87 1.94
CA LYS B 304 -20.38 8.66 1.87
C LYS B 304 -21.84 9.03 1.61
N ASN B 305 -22.34 10.01 2.35
CA ASN B 305 -23.72 10.46 2.20
C ASN B 305 -23.91 11.07 0.81
N SER B 306 -22.92 11.84 0.37
CA SER B 306 -22.96 12.49 -0.95
C SER B 306 -22.96 11.43 -2.06
N ILE B 307 -21.93 10.59 -2.07
CA ILE B 307 -21.83 9.52 -3.05
C ILE B 307 -22.26 8.24 -2.33
N HIS B 308 -23.43 7.73 -2.71
CA HIS B 308 -23.98 6.53 -2.07
C HIS B 308 -23.31 5.23 -2.52
N PRO B 309 -22.76 4.48 -1.56
CA PRO B 309 -22.09 3.19 -1.81
C PRO B 309 -23.00 2.15 -2.47
N ASN B 310 -24.31 2.29 -2.32
CA ASN B 310 -25.25 1.35 -2.92
C ASN B 310 -25.16 1.45 -4.44
N ASP B 311 -24.64 2.58 -4.92
CA ASP B 311 -24.49 2.82 -6.35
C ASP B 311 -23.32 2.02 -6.91
N PHE B 312 -22.53 1.43 -6.03
CA PHE B 312 -21.38 0.62 -6.44
C PHE B 312 -21.69 -0.85 -6.20
N GLN B 313 -22.95 -1.21 -6.40
CA GLN B 313 -23.41 -2.57 -6.19
C GLN B 313 -22.39 -3.62 -6.64
N ILE B 314 -22.03 -3.56 -7.92
CA ILE B 314 -21.09 -4.51 -8.48
C ILE B 314 -19.70 -4.40 -7.84
N TYR B 315 -19.18 -3.18 -7.77
CA TYR B 315 -17.88 -2.93 -7.19
C TYR B 315 -17.75 -3.59 -5.81
N ASN B 316 -18.78 -3.43 -4.98
CA ASN B 316 -18.77 -4.00 -3.64
C ASN B 316 -19.02 -5.51 -3.64
N SER B 317 -19.95 -5.95 -4.48
CA SER B 317 -20.29 -7.37 -4.55
C SER B 317 -19.08 -8.26 -4.81
N LEU B 318 -17.99 -7.65 -5.26
CA LEU B 318 -16.78 -8.42 -5.54
C LEU B 318 -16.00 -8.74 -4.29
N LYS B 319 -15.60 -10.00 -4.16
CA LYS B 319 -14.83 -10.43 -3.00
C LYS B 319 -13.35 -10.23 -3.28
N TYR B 320 -12.85 -10.84 -4.36
CA TYR B 320 -11.45 -10.73 -4.73
C TYR B 320 -11.28 -9.94 -6.02
N LYS B 321 -10.58 -8.81 -5.94
CA LYS B 321 -10.34 -7.94 -7.08
C LYS B 321 -8.84 -7.77 -7.35
N TYR B 322 -8.24 -8.84 -7.88
CA TYR B 322 -6.81 -8.85 -8.16
C TYR B 322 -6.38 -8.36 -9.54
N HIS B 323 -7.34 -7.93 -10.36
CA HIS B 323 -7.01 -7.42 -11.68
C HIS B 323 -6.29 -6.07 -11.48
N PRO B 324 -5.13 -5.87 -12.12
CA PRO B 324 -4.36 -4.63 -11.98
C PRO B 324 -5.16 -3.34 -12.13
N GLU B 325 -6.17 -3.34 -13.00
CA GLU B 325 -6.98 -2.14 -13.22
C GLU B 325 -7.63 -1.64 -11.95
N TYR B 326 -7.75 -2.50 -10.95
CA TYR B 326 -8.34 -2.07 -9.69
C TYR B 326 -7.44 -1.09 -8.96
N GLN B 327 -6.15 -1.10 -9.29
CA GLN B 327 -5.24 -0.16 -8.65
C GLN B 327 -5.69 1.24 -8.99
N TYR B 328 -6.15 1.41 -10.23
CA TYR B 328 -6.64 2.68 -10.69
C TYR B 328 -8.04 2.89 -10.12
N LEU B 329 -8.90 1.90 -10.35
CA LEU B 329 -10.28 1.92 -9.87
C LEU B 329 -10.41 2.17 -8.38
N ASN B 330 -9.63 1.45 -7.57
CA ASN B 330 -9.67 1.62 -6.12
C ASN B 330 -9.34 3.05 -5.70
N ILE B 331 -8.48 3.72 -6.46
CA ILE B 331 -8.11 5.10 -6.13
C ILE B 331 -9.30 6.01 -6.44
N ILE B 332 -9.97 5.75 -7.57
CA ILE B 332 -11.14 6.52 -7.94
C ILE B 332 -12.12 6.42 -6.76
N TYR B 333 -12.29 5.19 -6.28
CA TYR B 333 -13.20 4.91 -5.16
C TYR B 333 -12.75 5.60 -3.89
N ASP B 334 -11.47 5.47 -3.56
CA ASP B 334 -10.95 6.07 -2.34
C ASP B 334 -11.13 7.58 -2.31
N ILE B 335 -10.86 8.24 -3.42
CA ILE B 335 -11.00 9.69 -3.46
C ILE B 335 -12.47 10.06 -3.40
N MET B 336 -13.32 9.26 -4.02
CA MET B 336 -14.75 9.53 -4.01
C MET B 336 -15.31 9.43 -2.60
N MET B 337 -14.90 8.40 -1.87
CA MET B 337 -15.38 8.18 -0.50
C MET B 337 -14.70 9.02 0.57
N ASN B 338 -13.39 9.22 0.42
CA ASN B 338 -12.64 9.95 1.44
C ASN B 338 -12.03 11.27 1.00
N GLY B 339 -12.24 11.63 -0.27
CA GLY B 339 -11.67 12.86 -0.79
C GLY B 339 -12.19 14.16 -0.17
N ASN B 340 -11.31 15.15 -0.13
CA ASN B 340 -11.64 16.46 0.42
C ASN B 340 -12.23 17.37 -0.64
N LYS B 341 -13.36 18.02 -0.33
CA LYS B 341 -14.00 18.93 -1.27
C LYS B 341 -13.07 20.13 -1.42
N GLN B 342 -12.82 20.53 -2.66
CA GLN B 342 -11.90 21.64 -2.88
C GLN B 342 -12.18 22.34 -4.22
N SER B 343 -11.87 23.63 -4.27
CA SER B 343 -12.07 24.42 -5.49
C SER B 343 -10.70 24.60 -6.14
N ASP B 344 -10.63 24.42 -7.45
CA ASP B 344 -9.35 24.56 -8.14
C ASP B 344 -9.24 25.83 -8.96
N ARG B 345 -8.13 25.92 -9.69
CA ARG B 345 -7.79 27.04 -10.55
C ARG B 345 -8.80 27.25 -11.69
N THR B 346 -9.88 26.48 -11.69
CA THR B 346 -10.88 26.60 -12.75
C THR B 346 -12.23 27.12 -12.25
N GLY B 347 -12.48 26.98 -10.95
CA GLY B 347 -13.75 27.41 -10.39
C GLY B 347 -14.63 26.20 -10.25
N VAL B 348 -14.26 25.15 -10.99
CA VAL B 348 -14.97 23.88 -10.98
C VAL B 348 -14.66 23.20 -9.66
N GLY B 349 -15.29 22.05 -9.41
CA GLY B 349 -15.03 21.35 -8.16
C GLY B 349 -14.20 20.09 -8.33
N VAL B 350 -13.56 19.66 -7.26
CA VAL B 350 -12.77 18.44 -7.29
C VAL B 350 -12.75 17.80 -5.93
N LEU B 351 -12.51 16.50 -5.92
CA LEU B 351 -12.35 15.75 -4.69
C LEU B 351 -10.87 15.40 -4.83
N SER B 352 -10.07 15.65 -3.79
CA SER B 352 -8.65 15.38 -3.89
C SER B 352 -8.02 14.77 -2.65
N LYS B 353 -7.03 13.91 -2.89
CA LYS B 353 -6.25 13.23 -1.86
C LYS B 353 -4.80 13.52 -2.26
N PHE B 354 -3.84 13.15 -1.42
CA PHE B 354 -2.44 13.45 -1.72
C PHE B 354 -1.53 12.23 -1.56
N GLY B 355 -0.89 11.81 -2.64
CA GLY B 355 0.02 10.68 -2.57
C GLY B 355 -0.51 9.27 -2.72
N TYR B 356 -0.37 8.71 -3.92
CA TYR B 356 -0.80 7.34 -4.20
C TYR B 356 0.29 6.71 -5.00
N ILE B 357 0.24 5.40 -5.17
CA ILE B 357 1.27 4.71 -5.92
C ILE B 357 0.70 3.47 -6.60
N MET B 358 0.85 3.39 -7.92
CA MET B 358 0.36 2.25 -8.68
C MET B 358 1.54 1.54 -9.33
N LYS B 359 1.44 0.22 -9.48
CA LYS B 359 2.51 -0.55 -10.10
C LYS B 359 1.95 -1.51 -11.12
N PHE B 360 2.51 -1.49 -12.33
CA PHE B 360 2.04 -2.36 -13.39
C PHE B 360 3.16 -3.28 -13.90
N ASP B 361 2.88 -4.58 -13.95
CA ASP B 361 3.88 -5.50 -14.43
C ASP B 361 3.79 -5.53 -15.93
N LEU B 362 4.68 -4.77 -16.58
CA LEU B 362 4.70 -4.71 -18.03
C LEU B 362 5.13 -6.01 -18.70
N SER B 363 5.52 -7.00 -17.91
CA SER B 363 5.94 -8.28 -18.50
C SER B 363 4.76 -9.24 -18.64
N GLN B 364 3.65 -8.89 -18.00
CA GLN B 364 2.46 -9.71 -18.05
C GLN B 364 1.34 -9.06 -18.83
N TYR B 365 1.46 -7.76 -19.09
CA TYR B 365 0.40 -7.06 -19.81
C TYR B 365 0.66 -5.58 -20.04
N PHE B 366 -0.16 -5.00 -20.91
CA PHE B 366 -0.09 -3.59 -21.20
C PHE B 366 -1.26 -3.02 -20.41
N PRO B 367 -0.97 -2.15 -19.45
CA PRO B 367 -2.04 -1.58 -18.64
C PRO B 367 -2.89 -0.50 -19.30
N LEU B 368 -3.62 -0.86 -20.35
CA LEU B 368 -4.50 0.09 -21.02
C LEU B 368 -5.90 -0.16 -20.49
N LEU B 369 -6.47 0.81 -19.76
CA LEU B 369 -7.80 0.64 -19.19
C LEU B 369 -8.80 -0.10 -20.07
N THR B 370 -9.55 -1.04 -19.47
CA THR B 370 -10.54 -1.81 -20.21
C THR B 370 -11.97 -1.48 -19.79
N THR B 371 -12.13 -0.75 -18.69
CA THR B 371 -13.47 -0.38 -18.23
C THR B 371 -14.04 0.84 -18.98
N LYS B 372 -13.49 1.09 -20.17
CA LYS B 372 -13.91 2.18 -21.05
C LYS B 372 -12.96 2.15 -22.23
N LYS B 373 -13.28 2.86 -23.30
CA LYS B 373 -12.45 2.86 -24.50
C LYS B 373 -11.42 3.96 -24.52
N LEU B 374 -10.19 3.61 -24.87
CA LEU B 374 -9.09 4.56 -24.95
C LEU B 374 -8.37 4.49 -26.29
N PHE B 375 -8.02 5.66 -26.81
CA PHE B 375 -7.32 5.74 -28.09
C PHE B 375 -5.88 6.08 -27.77
N LEU B 376 -4.96 5.70 -28.64
CA LEU B 376 -3.55 5.97 -28.37
C LEU B 376 -2.72 6.58 -29.49
N ARG B 377 -3.29 6.76 -30.68
CA ARG B 377 -2.51 7.34 -31.77
C ARG B 377 -2.01 8.71 -31.31
N GLY B 378 -2.92 9.50 -30.74
CA GLY B 378 -2.56 10.81 -30.26
C GLY B 378 -1.42 10.83 -29.27
N ILE B 379 -1.55 10.08 -28.19
CA ILE B 379 -0.50 10.06 -27.19
C ILE B 379 0.82 9.50 -27.69
N ILE B 380 0.79 8.58 -28.65
CA ILE B 380 2.05 8.04 -29.16
C ILE B 380 2.77 9.15 -29.95
N GLU B 381 2.02 9.88 -30.77
CA GLU B 381 2.60 10.99 -31.56
C GLU B 381 3.19 12.01 -30.59
N GLU B 382 2.48 12.28 -29.49
CA GLU B 382 2.96 13.25 -28.51
C GLU B 382 4.30 12.76 -28.01
N LEU B 383 4.37 11.45 -27.76
CA LEU B 383 5.59 10.85 -27.28
C LEU B 383 6.70 11.02 -28.32
N LEU B 384 6.39 10.72 -29.58
CA LEU B 384 7.38 10.85 -30.66
C LEU B 384 7.80 12.32 -30.76
N TRP B 385 6.82 13.20 -30.55
CA TRP B 385 7.03 14.64 -30.58
C TRP B 385 8.01 15.06 -29.48
N PHE B 386 7.86 14.52 -28.28
CA PHE B 386 8.77 14.82 -27.17
C PHE B 386 10.18 14.41 -27.53
N ILE B 387 10.31 13.16 -28.00
CA ILE B 387 11.60 12.61 -28.37
C ILE B 387 12.32 13.50 -29.38
N ARG B 388 11.58 14.02 -30.35
CA ARG B 388 12.18 14.90 -31.35
C ARG B 388 12.62 16.22 -30.71
N GLY B 389 12.09 16.51 -29.53
CA GLY B 389 12.44 17.73 -28.85
C GLY B 389 11.61 18.93 -29.29
N GLU B 390 10.55 18.68 -30.05
CA GLU B 390 9.71 19.78 -30.52
C GLU B 390 8.95 20.53 -29.43
N THR B 391 8.58 21.77 -29.73
CA THR B 391 7.80 22.60 -28.83
C THR B 391 6.74 23.29 -29.67
N ASN B 392 6.72 22.93 -30.95
CA ASN B 392 5.82 23.49 -31.95
C ASN B 392 4.42 22.87 -31.96
N GLY B 393 3.46 23.60 -31.43
CA GLY B 393 2.10 23.09 -31.39
C GLY B 393 1.48 22.70 -32.72
N ASN B 394 1.82 23.40 -33.79
CA ASN B 394 1.27 23.10 -35.11
C ASN B 394 1.57 21.69 -35.57
N THR B 395 2.81 21.23 -35.36
CA THR B 395 3.21 19.89 -35.77
C THR B 395 2.16 18.87 -35.32
N LEU B 396 1.67 19.00 -34.10
CA LEU B 396 0.69 18.07 -33.58
C LEU B 396 -0.68 18.34 -34.21
N LEU B 397 -1.03 19.61 -34.36
CA LEU B 397 -2.32 19.99 -34.93
C LEU B 397 -2.52 19.53 -36.37
N ASN B 398 -1.44 19.50 -37.15
CA ASN B 398 -1.54 19.05 -38.53
C ASN B 398 -1.65 17.51 -38.62
N LYS B 399 -1.57 16.84 -37.48
CA LYS B 399 -1.72 15.39 -37.41
C LYS B 399 -3.00 15.12 -36.65
N ASN B 400 -3.72 16.20 -36.35
CA ASN B 400 -4.97 16.15 -35.60
C ASN B 400 -4.84 15.55 -34.20
N VAL B 401 -3.75 15.89 -33.53
CA VAL B 401 -3.53 15.47 -32.14
C VAL B 401 -3.69 16.83 -31.51
N ARG B 402 -4.81 17.03 -30.83
CA ARG B 402 -5.12 18.33 -30.25
C ARG B 402 -4.96 18.41 -28.74
N ILE B 403 -4.14 17.50 -28.21
CA ILE B 403 -3.87 17.44 -26.77
C ILE B 403 -3.46 18.78 -26.20
N TRP B 404 -2.67 19.55 -26.93
CA TRP B 404 -2.19 20.86 -26.47
C TRP B 404 -2.87 22.09 -27.09
N GLU B 405 -3.85 21.88 -27.96
CA GLU B 405 -4.54 23.00 -28.63
C GLU B 405 -5.01 24.12 -27.70
N ALA B 406 -5.74 23.81 -26.65
CA ALA B 406 -6.21 24.86 -25.77
C ALA B 406 -5.06 25.68 -25.15
N ASN B 407 -3.92 25.03 -24.91
CA ASN B 407 -2.78 25.69 -24.29
C ASN B 407 -1.92 26.55 -25.22
N GLY B 408 -2.23 26.52 -26.52
CA GLY B 408 -1.45 27.30 -27.46
C GLY B 408 -2.18 28.51 -28.05
N THR B 409 -3.40 28.76 -27.62
CA THR B 409 -4.18 29.88 -28.15
C THR B 409 -3.68 31.24 -27.70
N ARG B 410 -4.05 32.28 -28.44
CA ARG B 410 -3.66 33.65 -28.11
C ARG B 410 -4.07 34.00 -26.69
N GLU B 411 -5.35 33.80 -26.35
CA GLU B 411 -5.84 34.12 -25.03
C GLU B 411 -5.11 33.36 -23.93
N PHE B 412 -5.00 32.04 -24.09
CA PHE B 412 -4.31 31.26 -23.06
C PHE B 412 -2.90 31.75 -22.87
N LEU B 413 -2.22 32.03 -23.98
CA LEU B 413 -0.87 32.53 -23.90
C LEU B 413 -0.82 33.90 -23.23
N ASP B 414 -1.77 34.77 -23.57
CA ASP B 414 -1.82 36.10 -22.97
C ASP B 414 -2.18 36.01 -21.48
N ASN B 415 -2.98 35.04 -21.09
CA ASN B 415 -3.33 34.92 -19.68
C ASN B 415 -2.11 34.45 -18.88
N ARG B 416 -1.19 33.76 -19.55
CA ARG B 416 0.05 33.31 -18.93
C ARG B 416 1.06 34.44 -18.98
N LYS B 417 0.60 35.61 -19.40
CA LYS B 417 1.45 36.79 -19.50
C LYS B 417 2.56 36.58 -20.54
N LEU B 418 2.29 35.74 -21.53
CA LEU B 418 3.24 35.45 -22.60
C LEU B 418 2.81 36.18 -23.88
N PHE B 419 2.64 37.48 -23.75
CA PHE B 419 2.21 38.34 -24.84
C PHE B 419 3.10 38.28 -26.08
N HIS B 420 4.34 37.86 -25.89
CA HIS B 420 5.27 37.81 -27.00
C HIS B 420 5.56 36.41 -27.53
N ARG B 421 4.63 35.50 -27.30
CA ARG B 421 4.80 34.14 -27.76
C ARG B 421 3.88 33.87 -28.94
N GLU B 422 4.43 33.30 -30.01
CA GLU B 422 3.60 32.99 -31.17
C GLU B 422 2.59 31.94 -30.79
N VAL B 423 1.44 31.96 -31.46
CA VAL B 423 0.40 30.98 -31.20
C VAL B 423 0.95 29.58 -31.43
N ASN B 424 0.63 28.67 -30.52
CA ASN B 424 1.08 27.29 -30.58
C ASN B 424 2.57 27.10 -30.29
N ASP B 425 3.26 28.19 -29.93
CA ASP B 425 4.68 28.09 -29.56
C ASP B 425 4.62 27.81 -28.05
N LEU B 426 4.53 26.54 -27.69
CA LEU B 426 4.40 26.13 -26.31
C LEU B 426 5.58 26.45 -25.40
N GLY B 427 6.67 26.93 -25.96
CA GLY B 427 7.81 27.27 -25.13
C GLY B 427 8.70 26.11 -24.74
N PRO B 428 9.60 26.31 -23.78
CA PRO B 428 10.51 25.24 -23.35
C PRO B 428 9.84 24.13 -22.51
N ILE B 429 8.89 23.41 -23.10
CA ILE B 429 8.19 22.33 -22.42
C ILE B 429 8.89 20.98 -22.60
N TYR B 430 8.23 19.93 -22.14
CA TYR B 430 8.78 18.58 -22.20
C TYR B 430 9.89 18.32 -23.19
N GLY B 431 9.54 18.37 -24.48
CA GLY B 431 10.52 18.09 -25.53
C GLY B 431 11.80 18.89 -25.47
N PHE B 432 11.69 20.17 -25.13
CA PHE B 432 12.86 21.02 -25.07
C PHE B 432 13.75 20.64 -23.90
N GLN B 433 13.13 20.41 -22.74
CA GLN B 433 13.86 20.04 -21.54
C GLN B 433 14.54 18.68 -21.70
N TRP B 434 13.87 17.74 -22.36
CA TRP B 434 14.40 16.40 -22.58
C TRP B 434 15.68 16.35 -23.41
N ARG B 435 15.77 17.22 -24.41
CA ARG B 435 16.93 17.25 -25.30
C ARG B 435 17.81 18.50 -25.18
N HIS B 436 17.36 19.54 -24.49
CA HIS B 436 18.17 20.76 -24.40
C HIS B 436 18.11 21.50 -23.07
N PHE B 437 17.87 20.77 -21.98
CA PHE B 437 17.78 21.41 -20.66
C PHE B 437 18.95 22.35 -20.46
N GLY B 438 18.64 23.61 -20.19
CA GLY B 438 19.69 24.59 -19.97
C GLY B 438 19.88 25.57 -21.10
N ALA B 439 19.50 25.16 -22.31
CA ALA B 439 19.64 26.04 -23.46
C ALA B 439 18.66 27.21 -23.34
N GLU B 440 19.06 28.35 -23.90
CA GLU B 440 18.21 29.54 -23.89
C GLU B 440 17.10 29.33 -24.93
N TYR B 441 15.84 29.41 -24.52
CA TYR B 441 14.75 29.25 -25.46
C TYR B 441 14.52 30.54 -26.25
N THR B 442 14.39 30.42 -27.56
CA THR B 442 14.18 31.60 -28.41
C THR B 442 12.76 31.49 -28.96
N ASN B 443 12.56 30.66 -29.99
CA ASN B 443 11.24 30.43 -30.54
C ASN B 443 11.18 28.96 -30.96
N MET B 444 10.00 28.48 -31.33
CA MET B 444 9.82 27.09 -31.69
C MET B 444 10.45 26.67 -33.00
N TYR B 445 10.90 27.64 -33.79
CA TYR B 445 11.51 27.33 -35.08
C TYR B 445 13.02 27.34 -35.07
N ASP B 446 13.62 27.75 -33.95
CA ASP B 446 15.07 27.82 -33.87
C ASP B 446 15.75 26.46 -33.88
N ASN B 447 17.02 26.44 -34.25
CA ASN B 447 17.83 25.22 -34.27
C ASN B 447 18.57 25.12 -32.94
N TYR B 448 18.29 24.09 -32.17
CA TYR B 448 18.94 23.93 -30.87
C TYR B 448 19.95 22.78 -30.85
N GLU B 449 20.20 22.20 -32.02
CA GLU B 449 21.13 21.10 -32.14
C GLU B 449 22.40 21.31 -31.33
N ASN B 450 22.68 20.35 -30.46
CA ASN B 450 23.87 20.38 -29.61
C ASN B 450 23.92 21.53 -28.59
N LYS B 451 22.76 22.00 -28.17
CA LYS B 451 22.65 23.06 -27.16
C LYS B 451 21.85 22.53 -25.98
N GLY B 452 22.35 22.78 -24.77
CA GLY B 452 21.66 22.30 -23.58
C GLY B 452 21.95 20.83 -23.34
N VAL B 453 21.62 20.36 -22.14
CA VAL B 453 21.87 18.98 -21.77
C VAL B 453 20.83 18.02 -22.33
N ASP B 454 21.29 17.09 -23.17
CA ASP B 454 20.42 16.07 -23.77
C ASP B 454 20.28 14.95 -22.75
N GLN B 455 19.26 15.05 -21.89
CA GLN B 455 19.00 14.07 -20.84
C GLN B 455 18.63 12.71 -21.42
N LEU B 456 17.77 12.72 -22.43
CA LEU B 456 17.33 11.49 -23.06
C LEU B 456 18.55 10.67 -23.48
N LYS B 457 19.46 11.30 -24.22
CA LYS B 457 20.66 10.60 -24.65
C LYS B 457 21.46 10.14 -23.44
N ASN B 458 21.50 10.97 -22.39
CA ASN B 458 22.24 10.65 -21.18
C ASN B 458 21.72 9.46 -20.39
N ILE B 459 20.40 9.32 -20.25
CA ILE B 459 19.87 8.20 -19.48
C ILE B 459 20.06 6.88 -20.20
N ILE B 460 19.94 6.90 -21.52
CA ILE B 460 20.11 5.69 -22.29
C ILE B 460 21.55 5.17 -22.16
N ASN B 461 22.53 6.07 -22.19
CA ASN B 461 23.92 5.65 -22.04
C ASN B 461 24.13 5.15 -20.61
N LEU B 462 23.53 5.82 -19.63
CA LEU B 462 23.66 5.41 -18.24
C LEU B 462 23.11 3.98 -18.05
N ILE B 463 21.97 3.71 -18.65
CA ILE B 463 21.34 2.40 -18.55
C ILE B 463 22.24 1.33 -19.16
N LYS B 464 22.79 1.65 -20.33
CA LYS B 464 23.64 0.73 -21.05
C LYS B 464 25.02 0.50 -20.44
N ASN B 465 25.64 1.56 -19.92
CA ASN B 465 26.99 1.49 -19.36
C ASN B 465 27.12 1.45 -17.83
N ASP B 466 26.05 1.78 -17.13
CA ASP B 466 26.10 1.81 -15.68
C ASP B 466 24.68 1.64 -15.14
N PRO B 467 24.08 0.46 -15.39
CA PRO B 467 22.73 0.02 -15.01
C PRO B 467 22.40 0.19 -13.53
N THR B 468 23.39 0.02 -12.67
CA THR B 468 23.14 0.13 -11.23
C THR B 468 23.28 1.54 -10.71
N SER B 469 23.32 2.51 -11.62
CA SER B 469 23.41 3.91 -11.22
C SER B 469 22.04 4.30 -10.66
N ARG B 470 22.05 5.09 -9.60
CA ARG B 470 20.82 5.52 -8.97
C ARG B 470 20.58 6.99 -9.32
N ARG B 471 21.19 7.40 -10.43
CA ARG B 471 21.07 8.77 -10.92
C ARG B 471 20.48 8.80 -12.31
N ILE B 472 19.70 7.78 -12.65
CA ILE B 472 19.11 7.73 -13.97
C ILE B 472 17.74 8.43 -13.97
N LEU B 473 17.74 9.76 -14.08
CA LEU B 473 16.49 10.50 -14.10
C LEU B 473 16.29 11.39 -15.30
N LEU B 474 15.04 11.50 -15.74
CA LEU B 474 14.69 12.36 -16.83
C LEU B 474 13.81 13.41 -16.16
N CYS B 475 14.30 14.63 -16.02
CA CYS B 475 13.51 15.67 -15.35
C CYS B 475 13.01 16.77 -16.29
N ALA B 476 11.71 17.03 -16.21
CA ALA B 476 11.06 18.05 -17.04
C ALA B 476 10.71 19.32 -16.27
N TRP B 477 10.86 19.31 -14.96
CA TRP B 477 10.52 20.48 -14.15
C TRP B 477 11.72 21.42 -14.01
N ASN B 478 12.06 22.10 -15.10
CA ASN B 478 13.17 23.06 -15.12
C ASN B 478 12.64 24.35 -14.48
N VAL B 479 12.91 24.51 -13.18
CA VAL B 479 12.47 25.68 -12.40
C VAL B 479 12.71 27.02 -13.09
N LYS B 480 13.88 27.16 -13.70
CA LYS B 480 14.22 28.41 -14.36
C LYS B 480 13.29 28.74 -15.52
N ASP B 481 12.86 27.72 -16.26
CA ASP B 481 11.99 27.94 -17.42
C ASP B 481 10.48 27.85 -17.22
N LEU B 482 10.03 27.54 -16.01
CA LEU B 482 8.60 27.37 -15.74
C LEU B 482 7.64 28.40 -16.31
N ASP B 483 7.89 29.67 -16.06
CA ASP B 483 7.00 30.71 -16.55
C ASP B 483 7.03 30.92 -18.05
N GLN B 484 8.06 30.40 -18.71
CA GLN B 484 8.16 30.55 -20.15
C GLN B 484 7.35 29.46 -20.84
N MET B 485 6.87 28.49 -20.07
CA MET B 485 6.10 27.38 -20.62
C MET B 485 4.64 27.74 -20.67
N ALA B 486 3.92 27.24 -21.67
CA ALA B 486 2.50 27.51 -21.76
C ALA B 486 1.91 27.16 -20.39
N LEU B 487 2.42 26.08 -19.81
CA LEU B 487 2.02 25.62 -18.48
C LEU B 487 3.07 24.65 -17.92
N PRO B 488 3.29 24.66 -16.60
CA PRO B 488 4.28 23.77 -15.95
C PRO B 488 3.97 22.31 -16.27
N PRO B 489 5.00 21.46 -16.34
CA PRO B 489 4.70 20.06 -16.66
C PRO B 489 4.03 19.28 -15.50
N CYS B 490 3.14 18.35 -15.83
CA CYS B 490 2.48 17.55 -14.82
C CYS B 490 3.37 16.37 -14.42
N HIS B 491 4.04 15.81 -15.42
CA HIS B 491 4.97 14.69 -15.24
C HIS B 491 6.35 15.27 -14.95
N ILE B 492 6.63 15.44 -13.66
CA ILE B 492 7.86 16.02 -13.20
C ILE B 492 9.09 15.25 -13.61
N LEU B 493 9.05 13.93 -13.45
CA LEU B 493 10.23 13.15 -13.79
C LEU B 493 10.00 11.67 -13.93
N CYS B 494 11.01 11.00 -14.48
CA CYS B 494 11.04 9.55 -14.66
C CYS B 494 12.35 9.07 -14.05
N GLN B 495 12.29 7.99 -13.28
CA GLN B 495 13.52 7.45 -12.73
C GLN B 495 13.54 6.00 -13.20
N PHE B 496 14.70 5.53 -13.62
CA PHE B 496 14.81 4.16 -14.11
C PHE B 496 15.60 3.27 -13.18
N TYR B 497 15.26 1.99 -13.21
CA TYR B 497 15.89 0.99 -12.38
C TYR B 497 16.21 -0.22 -13.28
N VAL B 498 17.43 -0.74 -13.19
CA VAL B 498 17.80 -1.88 -14.03
C VAL B 498 18.27 -3.07 -13.19
N PHE B 499 17.62 -4.20 -13.36
CA PHE B 499 18.04 -5.40 -12.64
C PHE B 499 17.87 -6.68 -13.43
N ASP B 500 18.93 -7.48 -13.43
CA ASP B 500 18.94 -8.77 -14.13
C ASP B 500 18.29 -8.63 -15.52
N GLY B 501 18.79 -7.69 -16.30
CA GLY B 501 18.29 -7.46 -17.65
C GLY B 501 16.84 -6.98 -17.76
N LYS B 502 16.32 -6.39 -16.69
CA LYS B 502 14.95 -5.90 -16.72
C LYS B 502 14.88 -4.41 -16.38
N LEU B 503 14.05 -3.66 -17.11
CA LEU B 503 13.93 -2.23 -16.89
C LEU B 503 12.63 -1.81 -16.23
N SER B 504 12.76 -1.04 -15.15
CA SER B 504 11.60 -0.55 -14.43
C SER B 504 11.63 0.97 -14.43
N CYS B 505 10.46 1.57 -14.33
CA CYS B 505 10.37 3.02 -14.36
C CYS B 505 9.35 3.58 -13.41
N ILE B 506 9.74 4.64 -12.70
CA ILE B 506 8.86 5.34 -11.79
C ILE B 506 8.66 6.69 -12.43
N MET B 507 7.43 7.16 -12.42
CA MET B 507 7.15 8.46 -12.96
C MET B 507 6.35 9.18 -11.90
N TYR B 508 6.82 10.36 -11.53
CA TYR B 508 6.13 11.16 -10.53
C TYR B 508 5.24 12.22 -11.20
N GLN B 509 3.95 12.18 -10.91
CA GLN B 509 3.01 13.15 -11.47
C GLN B 509 2.54 14.10 -10.35
N ARG B 510 2.73 15.41 -10.55
CA ARG B 510 2.35 16.36 -9.52
C ARG B 510 0.87 16.64 -9.46
N SER B 511 0.19 16.54 -10.60
CA SER B 511 -1.24 16.82 -10.67
C SER B 511 -1.92 15.74 -11.48
N CYS B 512 -2.87 15.06 -10.86
CA CYS B 512 -3.52 13.94 -11.54
C CYS B 512 -5.01 14.03 -11.71
N ASP B 513 -5.47 14.13 -12.95
CA ASP B 513 -6.89 14.15 -13.19
C ASP B 513 -7.22 12.71 -13.43
N LEU B 514 -7.76 12.07 -12.40
CA LEU B 514 -8.09 10.66 -12.44
C LEU B 514 -9.13 10.20 -13.46
N GLY B 515 -10.08 11.06 -13.79
CA GLY B 515 -11.10 10.68 -14.76
C GLY B 515 -10.69 10.74 -16.21
N LEU B 516 -9.99 11.79 -16.60
CA LEU B 516 -9.58 11.97 -18.00
C LEU B 516 -8.08 11.81 -18.30
N GLY B 517 -7.22 12.41 -17.49
CA GLY B 517 -5.79 12.33 -17.74
C GLY B 517 -5.06 11.05 -17.38
N VAL B 518 -5.04 10.74 -16.08
CA VAL B 518 -4.35 9.56 -15.57
C VAL B 518 -4.41 8.32 -16.50
N PRO B 519 -5.60 7.97 -17.00
CA PRO B 519 -5.68 6.79 -17.88
C PRO B 519 -4.71 6.86 -19.06
N PHE B 520 -4.60 8.03 -19.69
CA PHE B 520 -3.71 8.21 -20.82
C PHE B 520 -2.25 8.24 -20.35
N ASN B 521 -2.05 8.85 -19.20
CA ASN B 521 -0.73 8.97 -18.62
C ASN B 521 -0.11 7.59 -18.37
N ILE B 522 -0.93 6.65 -17.92
CA ILE B 522 -0.48 5.30 -17.68
C ILE B 522 -0.04 4.66 -19.01
N ALA B 523 -0.84 4.84 -20.04
CA ALA B 523 -0.49 4.28 -21.34
C ALA B 523 0.83 4.89 -21.89
N SER B 524 0.97 6.22 -21.80
CA SER B 524 2.19 6.89 -22.30
C SER B 524 3.49 6.35 -21.72
N TYR B 525 3.61 6.39 -20.39
CA TYR B 525 4.83 5.95 -19.75
C TYR B 525 5.09 4.46 -19.84
N SER B 526 4.04 3.67 -19.99
CA SER B 526 4.23 2.23 -20.17
C SER B 526 4.91 2.13 -21.53
N ILE B 527 4.32 2.78 -22.53
CA ILE B 527 4.86 2.76 -23.88
C ILE B 527 6.30 3.25 -23.89
N PHE B 528 6.55 4.34 -23.18
CA PHE B 528 7.89 4.90 -23.11
C PHE B 528 8.86 3.89 -22.50
N THR B 529 8.41 3.21 -21.44
CA THR B 529 9.26 2.22 -20.78
C THR B 529 9.66 1.11 -21.76
N HIS B 530 8.72 0.66 -22.58
CA HIS B 530 9.03 -0.37 -23.57
C HIS B 530 10.05 0.19 -24.55
N MET B 531 9.80 1.41 -25.01
CA MET B 531 10.70 2.02 -25.97
C MET B 531 12.12 2.06 -25.43
N ILE B 532 12.28 2.63 -24.24
CA ILE B 532 13.60 2.71 -23.64
C ILE B 532 14.23 1.32 -23.48
N ALA B 533 13.49 0.39 -22.88
CA ALA B 533 14.01 -0.95 -22.67
C ALA B 533 14.50 -1.63 -23.96
N GLN B 534 13.75 -1.46 -25.05
CA GLN B 534 14.12 -2.09 -26.30
C GLN B 534 15.40 -1.53 -26.92
N VAL B 535 15.60 -0.22 -26.86
CA VAL B 535 16.79 0.38 -27.45
C VAL B 535 18.00 0.18 -26.53
N CYS B 536 17.76 -0.52 -25.43
CA CYS B 536 18.82 -0.81 -24.47
C CYS B 536 18.94 -2.31 -24.30
N ASN B 537 18.30 -3.06 -25.19
CA ASN B 537 18.31 -4.52 -25.17
C ASN B 537 17.94 -5.08 -23.81
N LEU B 538 16.95 -4.45 -23.21
CA LEU B 538 16.44 -4.87 -21.92
C LEU B 538 14.99 -5.25 -22.09
N GLN B 539 14.46 -5.98 -21.12
CA GLN B 539 13.06 -6.37 -21.16
C GLN B 539 12.36 -5.44 -20.18
N PRO B 540 11.14 -4.99 -20.51
CA PRO B 540 10.44 -4.10 -19.57
C PRO B 540 9.96 -4.90 -18.38
N ALA B 541 9.89 -4.25 -17.23
CA ALA B 541 9.44 -4.90 -16.01
C ALA B 541 8.24 -4.14 -15.48
N GLN B 542 8.46 -3.25 -14.51
CA GLN B 542 7.36 -2.50 -13.92
C GLN B 542 7.30 -1.03 -14.27
N PHE B 543 6.08 -0.52 -14.38
CA PHE B 543 5.86 0.90 -14.58
C PHE B 543 5.24 1.34 -13.25
N ILE B 544 5.96 2.17 -12.50
CA ILE B 544 5.45 2.61 -11.20
C ILE B 544 4.97 4.05 -11.30
N HIS B 545 3.69 4.24 -11.00
CA HIS B 545 3.06 5.55 -11.07
C HIS B 545 2.84 6.16 -9.69
N VAL B 546 3.45 7.30 -9.44
CA VAL B 546 3.30 8.00 -8.18
C VAL B 546 2.46 9.24 -8.41
N LEU B 547 1.33 9.34 -7.75
CA LEU B 547 0.45 10.49 -7.92
C LEU B 547 0.61 11.40 -6.71
N GLY B 548 0.71 12.70 -6.95
CA GLY B 548 0.85 13.65 -5.87
C GLY B 548 -0.54 14.15 -5.56
N ASN B 549 -0.91 15.28 -6.13
CA ASN B 549 -2.25 15.81 -5.93
C ASN B 549 -3.16 15.02 -6.84
N ALA B 550 -3.83 14.03 -6.28
CA ALA B 550 -4.74 13.20 -7.07
C ALA B 550 -6.17 13.73 -6.92
N HIS B 551 -6.80 14.07 -8.02
CA HIS B 551 -8.16 14.59 -7.94
C HIS B 551 -9.17 14.01 -8.91
N VAL B 552 -10.42 14.20 -8.56
CA VAL B 552 -11.53 13.75 -9.39
C VAL B 552 -12.43 14.97 -9.51
N TYR B 553 -12.63 15.42 -10.73
CA TYR B 553 -13.51 16.56 -10.96
C TYR B 553 -14.93 16.07 -10.66
N ASN B 554 -15.73 16.93 -10.02
CA ASN B 554 -17.11 16.59 -9.68
C ASN B 554 -17.93 16.15 -10.89
N ASN B 555 -17.65 16.77 -12.04
CA ASN B 555 -18.36 16.44 -13.27
C ASN B 555 -18.15 15.01 -13.74
N HIS B 556 -17.04 14.41 -13.33
CA HIS B 556 -16.74 13.04 -13.73
C HIS B 556 -17.37 11.99 -12.81
N ILE B 557 -17.78 12.43 -11.62
CA ILE B 557 -18.37 11.54 -10.62
C ILE B 557 -19.42 10.55 -11.14
N ASP B 558 -20.34 11.02 -11.97
CA ASP B 558 -21.37 10.11 -12.48
C ASP B 558 -20.83 9.07 -13.44
N SER B 559 -19.88 9.46 -14.28
CA SER B 559 -19.30 8.52 -15.23
C SER B 559 -18.41 7.52 -14.51
N LEU B 560 -17.57 8.01 -13.61
CA LEU B 560 -16.69 7.12 -12.87
C LEU B 560 -17.54 6.10 -12.10
N LYS B 561 -18.66 6.55 -11.55
CA LYS B 561 -19.56 5.66 -10.83
C LYS B 561 -19.93 4.50 -11.74
N ILE B 562 -20.32 4.83 -12.97
CA ILE B 562 -20.68 3.80 -13.95
C ILE B 562 -19.46 2.92 -14.24
N GLN B 563 -18.30 3.55 -14.33
CA GLN B 563 -17.07 2.83 -14.63
C GLN B 563 -16.72 1.88 -13.49
N LEU B 564 -16.90 2.35 -12.26
CA LEU B 564 -16.58 1.55 -11.10
C LEU B 564 -17.33 0.22 -11.02
N ASN B 565 -18.49 0.14 -11.65
CA ASN B 565 -19.27 -1.10 -11.62
C ASN B 565 -19.02 -2.06 -12.79
N ARG B 566 -18.10 -1.69 -13.69
CA ARG B 566 -17.78 -2.55 -14.82
C ARG B 566 -16.61 -3.43 -14.41
N ILE B 567 -16.62 -4.68 -14.85
CA ILE B 567 -15.57 -5.61 -14.52
C ILE B 567 -14.49 -5.66 -15.60
N PRO B 568 -13.26 -5.26 -15.25
CA PRO B 568 -12.17 -5.27 -16.23
C PRO B 568 -11.94 -6.58 -16.97
N TYR B 569 -11.55 -6.45 -18.23
CA TYR B 569 -11.25 -7.59 -19.08
C TYR B 569 -9.73 -7.82 -18.98
N PRO B 570 -9.25 -8.95 -19.53
CA PRO B 570 -7.80 -9.20 -19.46
C PRO B 570 -7.10 -8.22 -20.40
N PHE B 571 -6.13 -7.48 -19.88
CA PHE B 571 -5.41 -6.49 -20.67
C PHE B 571 -4.89 -6.99 -22.01
N PRO B 572 -4.65 -6.06 -22.95
CA PRO B 572 -4.12 -6.33 -24.30
C PRO B 572 -2.59 -6.30 -24.18
N THR B 573 -1.88 -6.38 -25.30
CA THR B 573 -0.42 -6.32 -25.24
C THR B 573 0.10 -5.32 -26.25
N LEU B 574 1.32 -4.84 -26.01
CA LEU B 574 1.93 -3.88 -26.92
C LEU B 574 3.09 -4.53 -27.67
N LYS B 575 3.09 -4.38 -28.98
CA LYS B 575 4.17 -4.93 -29.80
C LYS B 575 4.88 -3.80 -30.54
N LEU B 576 6.19 -3.75 -30.42
CA LEU B 576 6.97 -2.73 -31.09
C LEU B 576 7.74 -3.42 -32.20
N ASN B 577 7.99 -2.68 -33.28
CA ASN B 577 8.78 -3.22 -34.37
C ASN B 577 10.14 -3.47 -33.71
N PRO B 578 10.54 -4.73 -33.57
CA PRO B 578 11.81 -5.12 -32.95
C PRO B 578 13.09 -4.54 -33.56
N ASP B 579 13.07 -4.20 -34.84
CA ASP B 579 14.25 -3.65 -35.52
C ASP B 579 14.71 -2.29 -34.98
N ILE B 580 13.77 -1.51 -34.47
CA ILE B 580 14.09 -0.17 -33.96
C ILE B 580 15.02 -0.21 -32.76
N LYS B 581 16.25 0.23 -32.92
CA LYS B 581 17.17 0.21 -31.81
C LYS B 581 17.66 1.58 -31.36
N ASN B 582 17.17 2.64 -32.00
CA ASN B 582 17.57 3.99 -31.57
C ASN B 582 16.29 4.67 -31.13
N ILE B 583 16.34 5.30 -29.95
CA ILE B 583 15.14 5.96 -29.40
C ILE B 583 14.55 6.98 -30.35
N GLU B 584 15.39 7.51 -31.22
CA GLU B 584 14.96 8.51 -32.16
C GLU B 584 14.41 7.94 -33.46
N ASP B 585 14.48 6.62 -33.63
CA ASP B 585 14.01 6.02 -34.88
C ASP B 585 12.60 5.48 -34.93
N PHE B 586 11.82 5.68 -33.88
CA PHE B 586 10.43 5.19 -33.91
C PHE B 586 9.52 6.07 -34.77
N THR B 587 8.48 5.45 -35.33
CA THR B 587 7.48 6.13 -36.14
C THR B 587 6.16 5.47 -35.78
N ILE B 588 5.05 6.17 -35.97
CA ILE B 588 3.74 5.66 -35.60
C ILE B 588 3.44 4.22 -35.99
N SER B 589 3.89 3.78 -37.15
CA SER B 589 3.61 2.41 -37.57
C SER B 589 4.34 1.34 -36.78
N ASP B 590 5.33 1.74 -35.96
CA ASP B 590 6.07 0.77 -35.17
C ASP B 590 5.32 0.32 -33.91
N PHE B 591 4.15 0.89 -33.67
CA PHE B 591 3.38 0.54 -32.47
C PHE B 591 2.08 -0.17 -32.83
N THR B 592 1.81 -1.27 -32.15
CA THR B 592 0.61 -2.03 -32.41
C THR B 592 0.00 -2.57 -31.12
N ILE B 593 -1.28 -2.32 -30.91
CA ILE B 593 -1.97 -2.82 -29.73
C ILE B 593 -2.70 -4.10 -30.14
N GLN B 594 -2.57 -5.14 -29.33
CA GLN B 594 -3.21 -6.39 -29.67
C GLN B 594 -4.21 -6.89 -28.64
N ASN B 595 -5.32 -7.41 -29.14
CA ASN B 595 -6.37 -7.96 -28.32
C ASN B 595 -6.86 -7.01 -27.24
N TYR B 596 -7.27 -5.81 -27.65
CA TYR B 596 -7.77 -4.85 -26.70
C TYR B 596 -9.29 -5.01 -26.58
N VAL B 597 -9.73 -5.74 -25.56
CA VAL B 597 -11.15 -5.95 -25.32
C VAL B 597 -11.55 -4.93 -24.27
N HIS B 598 -12.56 -4.12 -24.57
CA HIS B 598 -12.95 -3.06 -23.63
C HIS B 598 -14.45 -2.86 -23.55
N HIS B 599 -14.87 -2.11 -22.53
CA HIS B 599 -16.27 -1.77 -22.33
C HIS B 599 -16.43 -0.56 -23.22
N GLU B 600 -17.66 -0.16 -23.54
CA GLU B 600 -17.86 0.96 -24.43
C GLU B 600 -17.32 2.27 -23.86
N LYS B 601 -17.05 3.21 -24.75
CA LYS B 601 -16.55 4.52 -24.38
C LYS B 601 -17.52 5.18 -23.40
N ILE B 602 -16.99 6.01 -22.52
CA ILE B 602 -17.80 6.70 -21.53
C ILE B 602 -17.47 8.19 -21.60
N SER B 603 -18.50 9.02 -21.56
CA SER B 603 -18.29 10.46 -21.59
C SER B 603 -17.98 10.89 -20.16
N MET B 604 -16.71 11.15 -19.88
CA MET B 604 -16.30 11.55 -18.54
C MET B 604 -17.13 12.74 -18.07
N ASP B 605 -17.42 13.63 -19.01
CA ASP B 605 -18.24 14.80 -18.72
C ASP B 605 -19.65 14.44 -19.17
N MET B 606 -20.25 13.47 -18.49
CA MET B 606 -21.60 13.00 -18.80
C MET B 606 -22.51 14.22 -18.97
N ALA B 607 -22.12 15.32 -18.34
CA ALA B 607 -22.88 16.57 -18.39
C ALA B 607 -23.19 17.06 -19.79
N ALA B 608 -22.89 16.25 -20.80
CA ALA B 608 -23.14 16.60 -22.19
C ALA B 608 -22.08 17.56 -22.75
N1 1CY C . -7.21 4.08 31.48
C2 1CY C . -6.76 2.86 31.32
N3 1CY C . -6.91 1.78 32.24
C4 1CY C . -7.63 1.96 33.41
N5 1CY C . -8.23 3.25 33.73
C6 1CY C . -7.96 4.41 32.68
N7 1CY C . -6.10 2.50 30.19
N8 1CY C . -7.82 0.88 34.30
C9 1CY C . -7.14 5.57 33.36
C10 1CY C . -9.20 5.09 32.04
C11 1CY C . -9.09 3.45 34.86
C12 1CY C . -8.64 4.02 36.14
C13 1CY C . -9.55 4.18 37.20
C14 1CY C . -10.97 3.79 37.01
C15 1CY C . -11.46 3.23 35.73
C16 1CY C . -10.50 3.09 34.70
CL17 1CY C . -12.02 4.00 38.24
PA NDP D . -6.27 -0.06 44.91
O1A NDP D . -5.59 -1.13 44.21
O2A NDP D . -7.13 0.65 43.99
O5B NDP D . -7.14 -0.54 46.11
C5B NDP D . -6.45 -1.27 47.15
C4B NDP D . -7.57 -1.60 48.16
O4B NDP D . -8.63 -2.40 47.63
C3B NDP D . -7.22 -2.32 49.50
O3B NDP D . -6.76 -1.35 50.49
C2B NDP D . -8.52 -3.04 49.82
O2B NDP D . -9.21 -1.87 50.25
C1B NDP D . -8.99 -3.50 48.46
N9A NDP D . -8.32 -4.73 48.04
C8A NDP D . -7.33 -4.95 47.10
N7A NDP D . -7.02 -6.30 47.04
C5A NDP D . -7.83 -6.89 47.94
C6A NDP D . -7.98 -8.20 48.31
N6A NDP D . -7.23 -9.17 47.76
N1A NDP D . -8.90 -8.49 49.25
C2A NDP D . -9.69 -7.56 49.85
N3A NDP D . -9.56 -6.28 49.51
C4A NDP D . -8.64 -5.93 48.55
O3 NDP D . -5.31 1.03 45.56
PN NDP D . -3.89 1.51 44.99
O1N NDP D . -3.01 0.33 44.90
O2N NDP D . -3.37 2.54 45.94
O5D NDP D . -4.14 2.19 43.54
C5D NDP D . -5.02 3.39 43.53
C4D NDP D . -4.18 4.50 42.78
O4D NDP D . -3.81 4.06 41.46
C3D NDP D . -4.86 5.87 42.61
O3D NDP D . -3.86 6.93 42.64
C2D NDP D . -5.50 5.80 41.21
O2D NDP D . -5.54 7.11 40.59
C1D NDP D . -4.54 4.87 40.49
N1N NDP D . -5.07 3.92 39.45
C2N NDP D . -4.28 4.01 38.16
C3N NDP D . -4.63 3.19 37.10
C7N NDP D . -3.81 3.29 35.79
O7N NDP D . -4.09 2.56 34.80
N7N NDP D . -2.80 4.15 35.70
C4N NDP D . -5.78 2.26 37.31
C5N NDP D . -6.55 2.21 38.62
C6N NDP D . -6.21 3.01 39.65
P2B NDP D . -9.75 -1.79 51.71
O1X NDP D . -9.63 -3.06 52.48
O2X NDP D . -8.84 -0.69 52.24
O3X NDP D . -11.17 -1.26 51.76
N1 UMP E . 21.72 9.03 1.04
C2 UMP E . 20.55 8.85 1.84
N3 UMP E . 19.97 10.05 2.28
C4 UMP E . 20.45 11.36 2.02
C5 UMP E . 21.66 11.45 1.18
C6 UMP E . 22.23 10.25 0.73
O2 UMP E . 20.05 7.79 2.14
O4 UMP E . 19.90 12.37 2.45
C1' UMP E . 22.49 7.89 0.46
C2' UMP E . 21.93 7.08 -0.71
C3' UMP E . 23.16 6.43 -1.34
C4' UMP E . 24.32 7.44 -1.22
O3' UMP E . 23.47 5.26 -0.54
O4' UMP E . 23.85 8.23 -0.06
C5' UMP E . 24.39 8.37 -2.43
O5' UMP E . 24.78 7.60 -3.60
P UMP E . 24.17 7.81 -5.02
OP1 UMP E . 24.77 6.89 -5.97
OP2 UMP E . 22.76 7.56 -4.90
OP3 UMP E . 24.46 9.16 -5.48
N1 1CY F . -8.42 -25.58 -18.35
C2 1CY F . -9.53 -25.14 -17.76
N3 1CY F . -10.78 -25.83 -17.68
C4 1CY F . -10.86 -27.13 -18.22
N5 1CY F . -9.71 -27.80 -18.88
C6 1CY F . -8.34 -26.91 -18.96
N7 1CY F . -9.51 -23.87 -17.20
N8 1CY F . -12.07 -27.82 -18.10
C9 1CY F . -7.93 -26.63 -20.42
C10 1CY F . -7.02 -27.66 -18.31
C11 1CY F . -9.76 -29.18 -19.43
C12 1CY F . -9.80 -29.52 -20.90
C13 1CY F . -9.80 -30.85 -21.36
C14 1CY F . -9.75 -31.96 -20.36
C15 1CY F . -9.70 -31.69 -18.91
C16 1CY F . -9.71 -30.32 -18.43
CL17 1CY F . -9.69 -33.54 -20.86
PA NDP G . -18.03 -34.29 -24.79
O1A NDP G . -18.84 -33.34 -24.03
O2A NDP G . -16.73 -34.48 -24.15
O5B NDP G . -18.71 -35.69 -24.87
C5B NDP G . -20.03 -35.76 -25.47
C4B NDP G . -20.39 -37.26 -25.36
O4B NDP G . -20.36 -37.73 -23.99
C3B NDP G . -21.78 -37.76 -25.87
O3B NDP G . -21.84 -38.01 -27.32
C2B NDP G . -21.96 -38.99 -25.01
O2B NDP G . -20.95 -39.89 -25.55
C1B NDP G . -21.55 -38.46 -23.64
N9A NDP G . -22.52 -37.57 -22.96
C8A NDP G . -22.49 -36.22 -22.69
N7A NDP G . -23.62 -35.80 -22.02
C5A NDP G . -24.36 -36.91 -21.87
C6A NDP G . -25.57 -37.14 -21.28
N6A NDP G . -26.26 -36.14 -20.72
N1A NDP G . -26.09 -38.39 -21.27
C2A NDP G . -25.46 -39.44 -21.82
N3A NDP G . -24.27 -39.27 -22.41
C4A NDP G . -23.70 -38.00 -22.44
O3 NDP G . -17.72 -33.77 -26.26
PN NDP G . -17.84 -32.24 -26.69
O1N NDP G . -19.05 -31.69 -26.06
O2N NDP G . -17.98 -32.15 -28.18
O5D NDP G . -16.53 -31.39 -26.22
C5D NDP G . -15.24 -31.83 -26.82
C4D NDP G . -14.49 -30.63 -27.51
O4D NDP G . -14.42 -29.47 -26.65
C3D NDP G . -13.04 -30.96 -27.88
O3D NDP G . -12.70 -30.27 -29.10
C2D NDP G . -12.20 -30.44 -26.68
O2D NDP G . -10.88 -30.02 -27.09
C1D NDP G . -13.06 -29.29 -26.14
N1N NDP G . -13.17 -29.19 -24.63
C2N NDP G . -12.86 -27.82 -24.03
C3N NDP G . -12.94 -27.63 -22.65
C7N NDP G . -12.64 -26.25 -22.03
O7N NDP G . -12.71 -26.08 -20.78
N7N NDP G . -12.30 -25.23 -22.81
C4N NDP G . -13.33 -28.81 -21.81
C5N NDP G . -13.63 -30.15 -22.41
C6N NDP G . -13.55 -30.33 -23.75
P2B NDP G . -21.36 -41.18 -26.34
O1X NDP G . -22.86 -41.39 -26.42
O2X NDP G . -20.79 -41.08 -27.74
O3X NDP G . -20.69 -42.37 -25.67
N1 UMP H . -3.32 16.49 -16.34
C2 UMP H . -3.26 15.10 -16.11
N3 UMP H . -2.37 14.43 -16.96
C4 UMP H . -1.57 15.01 -17.97
C5 UMP H . -1.70 16.46 -18.13
C6 UMP H . -2.59 17.14 -17.30
O2 UMP H . -3.90 14.49 -15.26
O4 UMP H . -0.80 14.35 -18.67
C1' UMP H . -4.22 17.40 -15.56
C2' UMP H . -3.94 17.68 -14.09
C3' UMP H . -4.74 18.98 -13.82
C4' UMP H . -4.63 19.85 -15.09
O3' UMP H . -6.13 18.59 -13.63
O4' UMP H . -4.38 18.79 -16.11
C5' UMP H . -3.40 20.76 -15.09
O5' UMP H . -3.63 21.92 -14.24
P UMP H . -2.68 22.31 -13.06
OP1 UMP H . -3.15 23.53 -12.40
OP2 UMP H . -2.71 21.14 -12.16
OP3 UMP H . -1.33 22.57 -13.53
#